data_7QLG
#
_entry.id   7QLG
#
_cell.length_a   69.780
_cell.length_b   55.360
_cell.length_c   107.690
_cell.angle_alpha   90.000
_cell.angle_beta   103.670
_cell.angle_gamma   90.000
#
_symmetry.space_group_name_H-M   'P 1 21 1'
#
loop_
_entity.id
_entity.type
_entity.pdbx_description
1 polymer 'Lactaldehyde reductase'
2 non-polymer '1,4-DIHYDRONICOTINAMIDE ADENINE DINUCLEOTIDE'
3 non-polymer GLYCEROL
4 non-polymer 'FE (III) ION'
5 water water
#
_entity_poly.entity_id   1
_entity_poly.type   'polypeptide(L)'
_entity_poly.pdbx_seq_one_letter_code
;MMANRMILNETAWFGRGAVGALTDEVKRRGYQKALIVTDKTLVQCGVVAKVTDKMDAAGLAWAIYDGVVPNPTITVVKEG
LGVFQNSGADYLIAIGGGSPQDTCKAIGIISNNPEFADVRSLEGLSPTNKPSVPILAIPTTAGTAAEVTINYVITDEEKR
RKFVCVDPHDIPQVAFIDADMMDGMPPALKAATGVDALTHAIEGYITRGAWALTDALHIKAIEIIAGALRGSVAGDKDAG
EEMALGQYVAGMGFSNVGVGLVHGMAHPLGAFYNTPHGVANAILLPHVMRYNADFTGEKYRDIARVMGVKVEGMGLEEAR
NAAVEAVFALNRDVGIPPHLRDVGVRKEDIPALAQAALDDVCTGGNPREATLEDIVELYHTAWTSHHHHH
;
_entity_poly.pdbx_strand_id   AAA,BBB
#
loop_
_chem_comp.id
_chem_comp.type
_chem_comp.name
_chem_comp.formula
FE non-polymer 'FE (III) ION' 'Fe 3'
GOL non-polymer GLYCEROL 'C3 H8 O3'
NAI non-polymer '1,4-DIHYDRONICOTINAMIDE ADENINE DINUCLEOTIDE' 'C21 H29 N7 O14 P2'
#
# COMPACT_ATOMS: atom_id res chain seq x y z
N ALA A 3 3.46 13.56 11.90
CA ALA A 3 3.25 12.91 10.56
C ALA A 3 3.62 11.42 10.65
N ASN A 4 2.87 10.56 9.97
CA ASN A 4 3.00 9.09 9.97
C ASN A 4 3.74 8.62 8.72
N ARG A 5 4.69 7.70 8.87
CA ARG A 5 5.41 7.07 7.74
C ARG A 5 4.77 5.72 7.39
N MET A 6 4.72 5.41 6.09
CA MET A 6 4.40 4.05 5.57
C MET A 6 5.59 3.61 4.72
N ILE A 7 6.19 2.47 5.06
CA ILE A 7 7.09 1.68 4.15
C ILE A 7 6.27 0.50 3.61
N LEU A 8 6.28 0.31 2.30
CA LEU A 8 5.59 -0.80 1.59
C LEU A 8 6.54 -1.37 0.53
N ASN A 9 6.19 -2.53 -0.03
CA ASN A 9 6.95 -3.07 -1.18
C ASN A 9 6.63 -2.16 -2.37
N GLU A 10 7.65 -1.70 -3.09
CA GLU A 10 7.48 -0.94 -4.35
C GLU A 10 6.66 -1.79 -5.35
N THR A 11 6.89 -3.12 -5.37
CA THR A 11 6.23 -4.08 -6.29
C THR A 11 5.80 -5.32 -5.52
N ALA A 12 4.57 -5.78 -5.71
CA ALA A 12 4.05 -7.06 -5.18
C ALA A 12 3.11 -7.69 -6.21
N TRP A 13 3.19 -9.01 -6.36
CA TRP A 13 2.31 -9.86 -7.20
C TRP A 13 1.47 -10.78 -6.30
N PHE A 14 0.17 -10.84 -6.56
CA PHE A 14 -0.83 -11.56 -5.73
C PHE A 14 -1.63 -12.53 -6.59
N GLY A 15 -1.88 -13.72 -6.05
CA GLY A 15 -2.73 -14.74 -6.68
C GLY A 15 -1.96 -16.02 -6.96
N ARG A 16 -2.70 -17.12 -7.14
CA ARG A 16 -2.10 -18.40 -7.56
C ARG A 16 -1.38 -18.14 -8.88
N GLY A 17 -0.12 -18.56 -9.00
CA GLY A 17 0.69 -18.31 -10.21
C GLY A 17 1.55 -17.07 -10.11
N ALA A 18 1.44 -16.29 -9.02
CA ALA A 18 2.26 -15.07 -8.78
C ALA A 18 3.77 -15.32 -8.97
N VAL A 19 4.34 -16.47 -8.56
CA VAL A 19 5.81 -16.74 -8.71
C VAL A 19 6.19 -16.82 -10.19
N GLY A 20 5.21 -17.04 -11.08
CA GLY A 20 5.34 -16.93 -12.55
C GLY A 20 5.87 -15.59 -13.03
N ALA A 21 5.78 -14.52 -12.22
CA ALA A 21 6.26 -13.17 -12.58
C ALA A 21 7.76 -13.03 -12.24
N LEU A 22 8.35 -13.98 -11.52
CA LEU A 22 9.70 -13.75 -10.93
C LEU A 22 10.77 -13.59 -12.02
N THR A 23 10.81 -14.46 -13.03
CA THR A 23 11.93 -14.46 -14.01
C THR A 23 11.98 -13.11 -14.75
N ASP A 24 10.83 -12.56 -15.15
CA ASP A 24 10.75 -11.26 -15.86
C ASP A 24 11.19 -10.13 -14.92
N GLU A 25 10.81 -10.15 -13.64
CA GLU A 25 11.28 -9.14 -12.66
C GLU A 25 12.81 -9.18 -12.60
N VAL A 26 13.40 -10.37 -12.62
CA VAL A 26 14.88 -10.53 -12.50
C VAL A 26 15.54 -9.96 -13.76
N LYS A 27 15.05 -10.30 -14.94
CA LYS A 27 15.63 -9.80 -16.22
C LYS A 27 15.54 -8.27 -16.30
N ARG A 28 14.39 -7.66 -15.97
CA ARG A 28 14.20 -6.18 -16.00
C ARG A 28 15.18 -5.47 -15.06
N ARG A 29 15.59 -6.12 -13.98
CA ARG A 29 16.47 -5.50 -12.97
C ARG A 29 17.92 -5.74 -13.34
N GLY A 30 18.20 -6.71 -14.20
CA GLY A 30 19.57 -6.99 -14.69
C GLY A 30 20.45 -7.74 -13.69
N TYR A 31 19.88 -8.37 -12.66
CA TYR A 31 20.60 -9.22 -11.68
C TYR A 31 21.21 -10.45 -12.37
N GLN A 32 22.39 -10.87 -11.89
CA GLN A 32 23.19 -11.96 -12.51
C GLN A 32 23.02 -13.29 -11.77
N LYS A 33 22.90 -13.29 -10.43
CA LYS A 33 22.89 -14.56 -9.66
C LYS A 33 22.21 -14.41 -8.30
N ALA A 34 21.30 -15.33 -8.00
CA ALA A 34 20.54 -15.37 -6.73
C ALA A 34 21.24 -16.26 -5.70
N LEU A 35 21.21 -15.87 -4.42
CA LEU A 35 21.23 -16.83 -3.30
C LEU A 35 19.81 -17.04 -2.79
N ILE A 36 19.32 -18.26 -2.94
CA ILE A 36 18.02 -18.69 -2.34
C ILE A 36 18.28 -19.06 -0.88
N VAL A 37 17.54 -18.42 0.03
CA VAL A 37 17.59 -18.63 1.50
C VAL A 37 16.29 -19.31 1.86
N THR A 38 16.38 -20.52 2.40
CA THR A 38 15.21 -21.39 2.66
C THR A 38 15.53 -22.39 3.77
N ASP A 39 14.70 -23.40 3.93
CA ASP A 39 14.90 -24.50 4.91
C ASP A 39 14.76 -25.86 4.22
N LYS A 40 15.33 -26.91 4.83
CA LYS A 40 15.42 -28.30 4.28
C LYS A 40 14.04 -28.86 3.94
N THR A 41 13.03 -28.57 4.76
CA THR A 41 11.63 -29.02 4.56
C THR A 41 11.11 -28.52 3.20
N LEU A 42 11.34 -27.25 2.90
CA LEU A 42 10.82 -26.62 1.66
C LEU A 42 11.57 -27.21 0.45
N VAL A 43 12.85 -27.53 0.57
CA VAL A 43 13.62 -28.24 -0.49
C VAL A 43 13.04 -29.65 -0.62
N GLN A 44 12.89 -30.36 0.50
CA GLN A 44 12.47 -31.79 0.60
C GLN A 44 11.07 -31.99 -0.01
N CYS A 45 10.15 -31.05 0.20
CA CYS A 45 8.73 -31.11 -0.26
C CYS A 45 8.55 -30.59 -1.70
N GLY A 46 9.59 -30.11 -2.37
CA GLY A 46 9.51 -29.62 -3.76
C GLY A 46 8.95 -28.21 -3.89
N VAL A 47 8.78 -27.46 -2.81
CA VAL A 47 8.26 -26.06 -2.89
C VAL A 47 9.35 -25.18 -3.50
N VAL A 48 10.61 -25.41 -3.19
CA VAL A 48 11.74 -24.60 -3.76
C VAL A 48 11.85 -24.86 -5.25
N ALA A 49 11.59 -26.08 -5.70
CA ALA A 49 11.62 -26.48 -7.13
C ALA A 49 10.57 -25.70 -7.93
N LYS A 50 9.44 -25.34 -7.32
CA LYS A 50 8.38 -24.54 -7.98
C LYS A 50 8.99 -23.22 -8.52
N VAL A 51 10.00 -22.68 -7.82
CA VAL A 51 10.71 -21.44 -8.22
C VAL A 51 11.93 -21.77 -9.08
N THR A 52 12.78 -22.71 -8.67
CA THR A 52 14.06 -22.99 -9.39
C THR A 52 13.78 -23.58 -10.79
N ASP A 53 12.71 -24.35 -10.99
CA ASP A 53 12.41 -24.94 -12.32
C ASP A 53 12.15 -23.78 -13.30
N LYS A 54 11.45 -22.74 -12.82
CA LYS A 54 11.13 -21.54 -13.63
C LYS A 54 12.43 -20.77 -13.90
N MET A 55 13.31 -20.66 -12.91
CA MET A 55 14.60 -19.97 -13.09
C MET A 55 15.44 -20.73 -14.13
N ASP A 56 15.52 -22.06 -14.04
CA ASP A 56 16.30 -22.89 -15.00
C ASP A 56 15.75 -22.70 -16.42
N ALA A 57 14.43 -22.70 -16.60
CA ALA A 57 13.76 -22.49 -17.91
C ALA A 57 14.12 -21.10 -18.48
N ALA A 58 14.40 -20.10 -17.63
CA ALA A 58 14.75 -18.72 -18.07
C ALA A 58 16.27 -18.52 -18.09
N GLY A 59 17.07 -19.54 -17.76
CA GLY A 59 18.54 -19.48 -17.80
C GLY A 59 19.13 -18.56 -16.73
N LEU A 60 18.48 -18.46 -15.57
CA LEU A 60 18.92 -17.60 -14.43
C LEU A 60 19.79 -18.41 -13.45
N ALA A 61 20.92 -17.85 -13.05
CA ALA A 61 21.88 -18.51 -12.13
C ALA A 61 21.32 -18.46 -10.71
N TRP A 62 21.53 -19.52 -9.92
CA TRP A 62 21.19 -19.53 -8.48
C TRP A 62 22.09 -20.49 -7.70
N ALA A 63 22.36 -20.13 -6.44
CA ALA A 63 22.88 -20.99 -5.37
C ALA A 63 21.85 -21.00 -4.25
N ILE A 64 22.01 -21.92 -3.29
CA ILE A 64 20.98 -22.15 -2.24
C ILE A 64 21.69 -22.26 -0.89
N TYR A 65 21.07 -21.66 0.12
CA TYR A 65 21.39 -21.87 1.55
C TYR A 65 20.11 -22.39 2.21
N ASP A 66 20.11 -23.61 2.76
CA ASP A 66 18.90 -24.29 3.29
C ASP A 66 19.05 -24.60 4.79
N GLY A 67 19.94 -23.91 5.49
CA GLY A 67 20.24 -24.17 6.91
C GLY A 67 19.29 -23.46 7.87
N VAL A 68 18.30 -22.72 7.38
CA VAL A 68 17.42 -21.91 8.28
C VAL A 68 16.66 -22.88 9.18
N VAL A 69 16.56 -22.58 10.48
CA VAL A 69 15.74 -23.34 11.46
C VAL A 69 14.68 -22.41 12.05
N PRO A 70 13.54 -22.92 12.54
CA PRO A 70 12.53 -22.07 13.19
C PRO A 70 13.13 -21.26 14.36
N ASN A 71 12.68 -20.01 14.54
CA ASN A 71 13.28 -19.01 15.46
C ASN A 71 14.76 -18.87 15.16
N PRO A 72 15.13 -18.29 13.99
CA PRO A 72 16.49 -18.36 13.49
C PRO A 72 17.46 -17.63 14.44
N THR A 73 18.67 -18.19 14.57
CA THR A 73 19.68 -17.82 15.58
C THR A 73 20.77 -16.98 14.91
N ILE A 74 21.61 -16.31 15.70
CA ILE A 74 22.81 -15.57 15.20
C ILE A 74 23.66 -16.52 14.35
N THR A 75 23.82 -17.77 14.78
CA THR A 75 24.64 -18.81 14.07
C THR A 75 24.11 -19.03 12.66
N VAL A 76 22.80 -19.20 12.51
CA VAL A 76 22.14 -19.40 11.19
C VAL A 76 22.45 -18.18 10.27
N VAL A 77 22.32 -16.95 10.79
CA VAL A 77 22.61 -15.70 10.03
C VAL A 77 24.08 -15.75 9.55
N LYS A 78 25.02 -16.07 10.43
CA LYS A 78 26.46 -16.03 10.09
C LYS A 78 26.78 -17.13 9.07
N GLU A 79 26.16 -18.30 9.19
CA GLU A 79 26.30 -19.43 8.23
C GLU A 79 25.88 -18.96 6.82
N GLY A 80 24.69 -18.33 6.70
CA GLY A 80 24.10 -17.86 5.44
C GLY A 80 24.85 -16.67 4.87
N LEU A 81 25.35 -15.78 5.75
CA LEU A 81 26.26 -14.68 5.35
C LEU A 81 27.49 -15.27 4.60
N GLY A 82 28.12 -16.28 5.19
CA GLY A 82 29.32 -16.92 4.63
C GLY A 82 29.03 -17.48 3.26
N VAL A 83 27.91 -18.19 3.11
CA VAL A 83 27.47 -18.74 1.79
C VAL A 83 27.28 -17.58 0.79
N PHE A 84 26.54 -16.53 1.16
CA PHE A 84 26.26 -15.38 0.26
C PHE A 84 27.57 -14.75 -0.23
N GLN A 85 28.47 -14.47 0.71
CA GLN A 85 29.73 -13.72 0.46
C GLN A 85 30.67 -14.56 -0.39
N ASN A 86 30.53 -15.88 -0.39
CA ASN A 86 31.44 -16.78 -1.16
C ASN A 86 30.76 -17.20 -2.47
N SER A 87 29.46 -16.88 -2.65
CA SER A 87 28.63 -17.32 -3.80
C SER A 87 28.82 -16.42 -5.02
N GLY A 88 29.19 -15.14 -4.81
CA GLY A 88 29.20 -14.12 -5.88
C GLY A 88 27.78 -13.73 -6.31
N ALA A 89 26.74 -14.11 -5.58
CA ALA A 89 25.35 -13.66 -5.80
C ALA A 89 25.28 -12.13 -5.69
N ASP A 90 24.43 -11.49 -6.50
CA ASP A 90 24.17 -10.03 -6.41
C ASP A 90 22.76 -9.80 -5.85
N TYR A 91 21.93 -10.82 -5.66
CA TYR A 91 20.60 -10.63 -5.02
C TYR A 91 20.18 -11.87 -4.23
N LEU A 92 19.14 -11.68 -3.42
CA LEU A 92 18.57 -12.70 -2.50
C LEU A 92 17.13 -13.00 -2.90
N ILE A 93 16.75 -14.28 -2.84
CA ILE A 93 15.35 -14.79 -2.92
C ILE A 93 15.06 -15.55 -1.62
N ALA A 94 14.14 -15.04 -0.82
CA ALA A 94 13.72 -15.70 0.43
C ALA A 94 12.51 -16.57 0.12
N ILE A 95 12.65 -17.88 0.24
CA ILE A 95 11.51 -18.83 0.10
C ILE A 95 11.24 -19.46 1.47
N GLY A 96 10.10 -19.11 2.09
CA GLY A 96 9.64 -19.73 3.33
C GLY A 96 8.81 -18.79 4.18
N GLY A 97 8.59 -19.18 5.43
CA GLY A 97 7.87 -18.35 6.42
C GLY A 97 8.75 -17.25 6.99
N GLY A 98 8.39 -16.78 8.19
CA GLY A 98 9.13 -15.74 8.93
C GLY A 98 10.59 -16.10 9.13
N SER A 99 10.91 -17.36 9.38
CA SER A 99 12.29 -17.78 9.75
C SER A 99 13.25 -17.52 8.59
N PRO A 100 13.07 -18.10 7.37
CA PRO A 100 13.91 -17.76 6.24
C PRO A 100 13.87 -16.29 5.79
N GLN A 101 12.69 -15.66 5.83
CA GLN A 101 12.55 -14.25 5.40
C GLN A 101 13.34 -13.34 6.34
N ASP A 102 13.32 -13.59 7.64
CA ASP A 102 14.03 -12.74 8.63
C ASP A 102 15.54 -13.02 8.50
N THR A 103 15.94 -14.27 8.27
CA THR A 103 17.36 -14.64 8.06
C THR A 103 17.91 -13.90 6.83
N CYS A 104 17.12 -13.84 5.76
CA CYS A 104 17.48 -13.22 4.47
C CYS A 104 17.70 -11.70 4.64
N LYS A 105 16.82 -11.02 5.40
CA LYS A 105 16.93 -9.57 5.71
C LYS A 105 18.26 -9.30 6.43
N ALA A 106 18.59 -10.11 7.43
CA ALA A 106 19.84 -10.00 8.22
C ALA A 106 21.05 -10.16 7.28
N ILE A 107 21.05 -11.18 6.41
CA ILE A 107 22.17 -11.41 5.45
C ILE A 107 22.30 -10.19 4.51
N GLY A 108 21.21 -9.73 3.92
CA GLY A 108 21.20 -8.63 2.94
C GLY A 108 21.70 -7.33 3.54
N ILE A 109 21.31 -7.03 4.79
CA ILE A 109 21.74 -5.79 5.51
C ILE A 109 23.24 -5.86 5.79
N ILE A 110 23.72 -6.99 6.31
CA ILE A 110 25.13 -7.16 6.78
C ILE A 110 26.06 -7.12 5.57
N SER A 111 25.67 -7.74 4.45
CA SER A 111 26.50 -7.79 3.22
C SER A 111 26.85 -6.37 2.75
N ASN A 112 25.97 -5.38 2.94
CA ASN A 112 26.21 -3.96 2.51
C ASN A 112 26.59 -3.06 3.68
N ASN A 113 26.55 -3.57 4.91
CA ASN A 113 26.87 -2.82 6.17
C ASN A 113 27.77 -3.68 7.05
N PRO A 114 29.05 -3.91 6.67
CA PRO A 114 29.90 -4.88 7.38
C PRO A 114 30.21 -4.52 8.85
N GLU A 115 29.95 -3.30 9.29
CA GLU A 115 30.18 -2.91 10.70
C GLU A 115 29.26 -3.72 11.63
N PHE A 116 28.18 -4.33 11.11
CA PHE A 116 27.13 -5.00 11.92
C PHE A 116 27.25 -6.54 11.86
N ALA A 117 28.37 -7.09 11.37
CA ALA A 117 28.47 -8.54 11.04
C ALA A 117 28.44 -9.42 12.31
N ASP A 118 28.49 -8.83 13.51
CA ASP A 118 28.29 -9.54 14.81
C ASP A 118 26.81 -9.85 15.04
N VAL A 119 25.90 -9.18 14.30
CA VAL A 119 24.43 -9.47 14.23
C VAL A 119 23.68 -8.84 15.41
N ARG A 120 24.19 -8.94 16.64
CA ARG A 120 23.41 -8.45 17.83
C ARG A 120 23.40 -6.91 17.81
N SER A 121 24.39 -6.25 17.19
CA SER A 121 24.46 -4.77 17.08
C SER A 121 23.37 -4.18 16.16
N LEU A 122 22.56 -5.01 15.48
CA LEU A 122 21.45 -4.57 14.58
C LEU A 122 20.17 -4.29 15.38
N GLU A 123 20.11 -4.72 16.64
CA GLU A 123 18.89 -4.64 17.48
C GLU A 123 18.39 -3.18 17.57
N GLY A 124 17.05 -3.02 17.54
CA GLY A 124 16.36 -1.72 17.55
C GLY A 124 16.34 -1.09 16.17
N LEU A 125 16.29 0.25 16.12
CA LEU A 125 16.36 1.06 14.87
C LEU A 125 17.79 1.05 14.34
N SER A 126 18.17 0.02 13.59
CA SER A 126 19.55 -0.22 13.12
C SER A 126 20.07 1.03 12.39
N PRO A 127 21.19 1.64 12.85
CA PRO A 127 21.74 2.81 12.17
C PRO A 127 22.57 2.43 10.93
N THR A 128 21.93 1.73 9.98
CA THR A 128 22.58 1.27 8.73
C THR A 128 22.73 2.46 7.78
N ASN A 129 23.88 2.55 7.12
CA ASN A 129 24.22 3.60 6.12
C ASN A 129 23.60 3.23 4.76
N LYS A 130 23.55 1.93 4.43
CA LYS A 130 23.32 1.42 3.06
C LYS A 130 22.09 0.50 3.02
N PRO A 131 21.32 0.52 1.91
CA PRO A 131 20.26 -0.45 1.69
C PRO A 131 20.79 -1.89 1.65
N SER A 132 19.92 -2.84 1.98
CA SER A 132 20.15 -4.30 1.91
C SER A 132 20.55 -4.66 0.49
N VAL A 133 21.34 -5.73 0.30
CA VAL A 133 21.32 -6.47 -0.99
C VAL A 133 19.84 -6.62 -1.37
N PRO A 134 19.44 -6.41 -2.65
CA PRO A 134 18.03 -6.50 -2.98
C PRO A 134 17.47 -7.92 -2.71
N ILE A 135 16.26 -7.96 -2.16
CA ILE A 135 15.54 -9.20 -1.75
C ILE A 135 14.25 -9.35 -2.57
N LEU A 136 14.08 -10.50 -3.21
CA LEU A 136 12.78 -10.96 -3.75
C LEU A 136 12.20 -11.97 -2.73
N ALA A 137 11.04 -11.68 -2.14
CA ALA A 137 10.49 -12.38 -0.96
C ALA A 137 9.29 -13.23 -1.41
N ILE A 138 9.31 -14.54 -1.10
CA ILE A 138 8.24 -15.53 -1.48
C ILE A 138 7.77 -16.28 -0.25
N PRO A 139 6.67 -15.84 0.40
CA PRO A 139 6.13 -16.55 1.57
C PRO A 139 5.53 -17.93 1.26
N THR A 140 5.69 -18.86 2.19
CA THR A 140 5.14 -20.24 2.12
C THR A 140 4.23 -20.50 3.32
N THR A 141 4.07 -19.52 4.22
CA THR A 141 3.09 -19.60 5.34
C THR A 141 2.12 -18.43 5.23
N ALA A 142 0.94 -18.55 5.82
CA ALA A 142 -0.15 -17.55 5.69
C ALA A 142 -0.46 -17.07 7.11
N GLY A 143 0.36 -16.09 7.49
CA GLY A 143 1.50 -16.19 8.42
C GLY A 143 2.00 -14.82 8.82
N THR A 144 3.27 -14.49 8.55
CA THR A 144 4.04 -13.48 9.31
C THR A 144 4.04 -12.10 8.64
N ALA A 145 3.78 -12.05 7.33
CA ALA A 145 3.86 -10.86 6.47
C ALA A 145 5.30 -10.32 6.45
N ALA A 146 6.33 -11.15 6.72
CA ALA A 146 7.74 -10.72 6.72
C ALA A 146 8.12 -10.14 5.34
N GLU A 147 7.42 -10.51 4.28
CA GLU A 147 7.72 -10.02 2.90
C GLU A 147 7.47 -8.50 2.80
N VAL A 148 6.63 -7.92 3.67
CA VAL A 148 6.19 -6.50 3.59
C VAL A 148 6.59 -5.69 4.83
N THR A 149 7.08 -6.29 5.91
CA THR A 149 7.46 -5.55 7.14
C THR A 149 8.90 -5.01 7.03
N ILE A 150 9.25 -4.03 7.86
CA ILE A 150 10.67 -3.53 7.98
C ILE A 150 11.35 -4.19 9.18
N ASN A 151 10.74 -5.21 9.78
CA ASN A 151 11.25 -5.92 10.98
C ASN A 151 11.88 -7.24 10.55
N TYR A 152 12.83 -7.69 11.37
CA TYR A 152 13.25 -9.11 11.48
C TYR A 152 13.65 -9.40 12.93
N VAL A 153 13.37 -10.63 13.35
CA VAL A 153 13.55 -11.10 14.75
C VAL A 153 14.58 -12.22 14.74
N ILE A 154 15.68 -12.04 15.47
CA ILE A 154 16.78 -13.06 15.58
C ILE A 154 16.88 -13.48 17.06
N THR A 155 17.21 -14.76 17.29
CA THR A 155 17.40 -15.36 18.63
C THR A 155 18.89 -15.29 18.99
N ASP A 156 19.19 -14.64 20.12
CA ASP A 156 20.53 -14.62 20.76
C ASP A 156 20.57 -15.79 21.77
N GLU A 157 21.18 -16.91 21.38
CA GLU A 157 21.19 -18.18 22.16
C GLU A 157 21.95 -17.96 23.46
N GLU A 158 23.11 -17.29 23.39
CA GLU A 158 23.95 -16.95 24.56
C GLU A 158 23.10 -16.17 25.59
N LYS A 159 22.35 -15.16 25.17
CA LYS A 159 21.59 -14.26 26.09
C LYS A 159 20.16 -14.75 26.29
N ARG A 160 19.72 -15.82 25.62
CA ARG A 160 18.36 -16.41 25.79
C ARG A 160 17.28 -15.37 25.48
N ARG A 161 17.37 -14.68 24.34
CA ARG A 161 16.38 -13.63 23.98
C ARG A 161 16.22 -13.52 22.46
N LYS A 162 14.98 -13.29 22.03
CA LYS A 162 14.63 -12.85 20.67
C LYS A 162 14.80 -11.33 20.66
N PHE A 163 15.53 -10.77 19.70
CA PHE A 163 15.68 -9.30 19.54
C PHE A 163 15.11 -8.88 18.19
N VAL A 164 14.47 -7.70 18.16
CA VAL A 164 13.79 -7.11 16.97
C VAL A 164 14.69 -6.04 16.35
N CYS A 165 14.98 -6.21 15.06
CA CYS A 165 15.68 -5.24 14.19
C CYS A 165 14.65 -4.59 13.27
N VAL A 166 14.55 -3.27 13.34
CA VAL A 166 13.59 -2.40 12.60
C VAL A 166 14.43 -1.51 11.69
N ASP A 167 14.25 -1.60 10.37
CA ASP A 167 15.15 -0.91 9.42
C ASP A 167 14.49 -0.81 8.05
N PRO A 168 14.11 0.41 7.62
CA PRO A 168 13.57 0.60 6.27
C PRO A 168 14.50 0.09 5.17
N HIS A 169 15.82 0.03 5.41
CA HIS A 169 16.83 -0.47 4.43
C HIS A 169 16.61 -1.95 4.08
N ASP A 170 15.86 -2.70 4.89
CA ASP A 170 15.68 -4.17 4.73
C ASP A 170 14.43 -4.50 3.88
N ILE A 171 13.60 -3.53 3.49
CA ILE A 171 12.31 -3.81 2.79
C ILE A 171 12.61 -4.55 1.48
N PRO A 172 11.97 -5.71 1.20
CA PRO A 172 12.09 -6.38 -0.10
C PRO A 172 11.64 -5.53 -1.29
N GLN A 173 12.37 -5.64 -2.40
CA GLN A 173 12.08 -4.92 -3.66
C GLN A 173 10.79 -5.46 -4.27
N VAL A 174 10.56 -6.77 -4.18
CA VAL A 174 9.34 -7.44 -4.74
C VAL A 174 8.90 -8.54 -3.79
N ALA A 175 7.60 -8.65 -3.55
CA ALA A 175 6.98 -9.79 -2.85
C ALA A 175 6.10 -10.54 -3.85
N PHE A 176 6.12 -11.88 -3.78
CA PHE A 176 5.28 -12.77 -4.61
C PHE A 176 4.40 -13.58 -3.66
N ILE A 177 3.12 -13.27 -3.61
CA ILE A 177 2.16 -13.84 -2.62
C ILE A 177 1.30 -14.85 -3.39
N ASP A 178 1.73 -16.12 -3.34
CA ASP A 178 1.27 -17.20 -4.24
C ASP A 178 0.81 -18.38 -3.39
N ALA A 179 -0.51 -18.57 -3.27
CA ALA A 179 -1.13 -19.60 -2.40
C ALA A 179 -0.72 -21.01 -2.85
N ASP A 180 -0.24 -21.18 -4.10
CA ASP A 180 0.36 -22.45 -4.59
C ASP A 180 1.58 -22.81 -3.72
N MET A 181 2.29 -21.82 -3.19
CA MET A 181 3.52 -22.06 -2.38
C MET A 181 3.15 -22.46 -0.96
N MET A 182 1.88 -22.33 -0.57
CA MET A 182 1.39 -22.44 0.82
C MET A 182 0.51 -23.68 1.03
N ASP A 183 0.01 -24.31 -0.04
CA ASP A 183 -1.05 -25.36 0.04
C ASP A 183 -0.53 -26.58 0.82
N GLY A 184 0.79 -26.82 0.82
CA GLY A 184 1.44 -27.96 1.48
C GLY A 184 1.54 -27.81 2.99
N MET A 185 1.29 -26.61 3.56
CA MET A 185 1.27 -26.43 5.03
C MET A 185 0.39 -27.51 5.65
N PRO A 186 0.85 -28.25 6.68
CA PRO A 186 -0.06 -29.11 7.44
C PRO A 186 -1.18 -28.27 8.05
N PRO A 187 -2.40 -28.83 8.24
CA PRO A 187 -3.50 -28.06 8.81
C PRO A 187 -3.16 -27.34 10.13
N ALA A 188 -2.38 -28.00 11.00
CA ALA A 188 -1.90 -27.42 12.27
C ALA A 188 -1.07 -26.16 12.02
N LEU A 189 -0.27 -26.12 10.95
CA LEU A 189 0.59 -24.95 10.61
C LEU A 189 -0.25 -23.84 9.97
N LYS A 190 -1.22 -24.19 9.12
CA LYS A 190 -2.19 -23.20 8.56
C LYS A 190 -2.91 -22.47 9.71
N ALA A 191 -3.32 -23.25 10.72
CA ALA A 191 -4.04 -22.79 11.93
C ALA A 191 -3.18 -21.83 12.73
N ALA A 192 -1.94 -22.24 13.08
CA ALA A 192 -1.01 -21.46 13.92
C ALA A 192 -0.57 -20.17 13.21
N THR A 193 -0.15 -20.24 11.94
CA THR A 193 0.27 -19.06 11.13
C THR A 193 -0.95 -18.17 10.85
N GLY A 194 -2.13 -18.77 10.69
CA GLY A 194 -3.41 -18.06 10.49
C GLY A 194 -3.81 -17.19 11.67
N VAL A 195 -3.67 -17.70 12.91
CA VAL A 195 -4.05 -16.91 14.13
C VAL A 195 -2.88 -15.94 14.44
N ASP A 196 -1.67 -16.23 13.98
CA ASP A 196 -0.54 -15.25 14.03
C ASP A 196 -0.93 -14.02 13.19
N ALA A 197 -1.42 -14.24 11.97
CA ALA A 197 -1.89 -13.17 11.06
C ALA A 197 -3.03 -12.40 11.75
N LEU A 198 -3.94 -13.12 12.39
CA LEU A 198 -5.11 -12.51 13.09
C LEU A 198 -4.63 -11.65 14.27
N THR A 199 -3.63 -12.11 15.03
CA THR A 199 -3.00 -11.38 16.16
C THR A 199 -2.43 -10.07 15.62
N HIS A 200 -1.66 -10.15 14.54
CA HIS A 200 -1.07 -8.99 13.84
C HIS A 200 -2.16 -7.95 13.57
N ALA A 201 -3.23 -8.38 12.90
CA ALA A 201 -4.39 -7.55 12.49
C ALA A 201 -5.06 -6.92 13.72
N ILE A 202 -5.37 -7.72 14.74
CA ILE A 202 -6.09 -7.22 15.96
C ILE A 202 -5.18 -6.29 16.77
N GLU A 203 -3.92 -6.67 17.00
CA GLU A 203 -2.98 -5.83 17.81
C GLU A 203 -2.72 -4.51 17.06
N GLY A 204 -2.48 -4.57 15.75
CA GLY A 204 -2.29 -3.39 14.90
C GLY A 204 -3.51 -2.47 14.95
N TYR A 205 -4.72 -3.05 14.88
CA TYR A 205 -6.00 -2.29 14.92
C TYR A 205 -6.05 -1.45 16.20
N ILE A 206 -5.58 -1.96 17.34
CA ILE A 206 -5.79 -1.30 18.67
C ILE A 206 -4.48 -0.71 19.19
N THR A 207 -3.38 -0.80 18.47
CA THR A 207 -2.07 -0.25 18.92
C THR A 207 -2.18 1.26 19.12
N ARG A 208 -1.28 1.84 19.92
CA ARG A 208 -1.30 3.27 20.33
C ARG A 208 -0.96 4.16 19.12
N GLY A 209 -0.14 3.71 18.18
CA GLY A 209 0.21 4.49 16.98
C GLY A 209 -0.84 4.42 15.88
N ALA A 210 -1.95 3.69 16.08
CA ALA A 210 -2.98 3.43 15.05
C ALA A 210 -3.53 4.75 14.49
N TRP A 211 -3.73 4.83 13.16
CA TRP A 211 -4.32 6.01 12.47
C TRP A 211 -5.16 5.53 11.30
N ALA A 212 -5.79 6.45 10.57
CA ALA A 212 -6.94 6.14 9.69
C ALA A 212 -6.55 5.07 8.67
N LEU A 213 -5.35 5.16 8.07
CA LEU A 213 -4.95 4.25 6.97
C LEU A 213 -4.69 2.83 7.52
N THR A 214 -3.96 2.68 8.62
CA THR A 214 -3.66 1.34 9.21
C THR A 214 -4.97 0.74 9.73
N ASP A 215 -5.87 1.54 10.30
CA ASP A 215 -7.21 1.08 10.77
C ASP A 215 -7.95 0.42 9.60
N ALA A 216 -7.86 0.98 8.39
CA ALA A 216 -8.62 0.52 7.21
C ALA A 216 -8.03 -0.82 6.74
N LEU A 217 -6.71 -0.95 6.79
CA LEU A 217 -6.01 -2.19 6.37
C LEU A 217 -6.29 -3.29 7.41
N HIS A 218 -6.15 -2.96 8.70
CA HIS A 218 -6.30 -3.94 9.81
C HIS A 218 -7.71 -4.54 9.77
N ILE A 219 -8.78 -3.74 9.74
CA ILE A 219 -10.17 -4.29 9.86
C ILE A 219 -10.51 -5.09 8.61
N LYS A 220 -9.94 -4.74 7.46
CA LYS A 220 -10.13 -5.54 6.22
C LYS A 220 -9.42 -6.89 6.40
N ALA A 221 -8.18 -6.88 6.88
CA ALA A 221 -7.37 -8.09 7.16
C ALA A 221 -8.13 -9.00 8.14
N ILE A 222 -8.69 -8.45 9.21
CA ILE A 222 -9.46 -9.24 10.22
C ILE A 222 -10.63 -9.92 9.49
N GLU A 223 -11.35 -9.17 8.67
CA GLU A 223 -12.56 -9.66 7.94
C GLU A 223 -12.14 -10.80 7.00
N ILE A 224 -11.08 -10.61 6.21
CA ILE A 224 -10.61 -11.67 5.25
C ILE A 224 -10.24 -12.91 6.06
N ILE A 225 -9.42 -12.78 7.11
CA ILE A 225 -8.79 -13.91 7.88
C ILE A 225 -9.90 -14.69 8.61
N ALA A 226 -10.72 -14.01 9.40
CA ALA A 226 -11.85 -14.63 10.14
C ALA A 226 -12.78 -15.35 9.16
N GLY A 227 -12.98 -14.82 7.96
CA GLY A 227 -13.84 -15.41 6.92
C GLY A 227 -13.26 -16.67 6.32
N ALA A 228 -11.94 -16.85 6.34
CA ALA A 228 -11.27 -17.85 5.48
C ALA A 228 -10.54 -18.94 6.28
N LEU A 229 -10.16 -18.70 7.54
CA LEU A 229 -9.17 -19.58 8.23
C LEU A 229 -9.72 -20.99 8.41
N ARG A 230 -10.97 -21.17 8.85
CA ARG A 230 -11.58 -22.51 9.06
C ARG A 230 -11.57 -23.28 7.72
N GLY A 231 -12.00 -22.64 6.63
CA GLY A 231 -11.99 -23.19 5.26
C GLY A 231 -10.59 -23.59 4.82
N SER A 232 -9.57 -22.76 5.07
CA SER A 232 -8.17 -23.03 4.63
C SER A 232 -7.61 -24.24 5.41
N VAL A 233 -7.80 -24.26 6.73
CA VAL A 233 -7.42 -25.42 7.61
C VAL A 233 -8.08 -26.70 7.07
N ALA A 234 -9.36 -26.64 6.65
CA ALA A 234 -10.16 -27.74 6.07
C ALA A 234 -9.62 -28.16 4.68
N GLY A 235 -8.81 -27.32 4.02
CA GLY A 235 -8.19 -27.61 2.72
C GLY A 235 -8.88 -26.93 1.54
N ASP A 236 -9.75 -25.94 1.77
CA ASP A 236 -10.43 -25.20 0.66
C ASP A 236 -9.38 -24.34 -0.06
N LYS A 237 -9.29 -24.49 -1.39
CA LYS A 237 -8.26 -23.85 -2.25
C LYS A 237 -8.49 -22.33 -2.28
N ASP A 238 -9.74 -21.90 -2.40
CA ASP A 238 -10.15 -20.46 -2.46
C ASP A 238 -9.85 -19.77 -1.12
N ALA A 239 -10.22 -20.41 -0.01
CA ALA A 239 -9.93 -19.96 1.37
C ALA A 239 -8.42 -19.78 1.58
N GLY A 240 -7.60 -20.67 1.01
CA GLY A 240 -6.13 -20.56 1.04
C GLY A 240 -5.65 -19.29 0.34
N GLU A 241 -6.30 -18.92 -0.77
CA GLU A 241 -5.94 -17.74 -1.58
C GLU A 241 -6.33 -16.48 -0.79
N GLU A 242 -7.48 -16.51 -0.13
CA GLU A 242 -7.97 -15.39 0.73
C GLU A 242 -6.97 -15.19 1.89
N MET A 243 -6.58 -16.25 2.58
CA MET A 243 -5.59 -16.21 3.71
C MET A 243 -4.26 -15.57 3.26
N ALA A 244 -3.77 -15.89 2.07
CA ALA A 244 -2.49 -15.36 1.53
C ALA A 244 -2.59 -13.83 1.43
N LEU A 245 -3.73 -13.31 0.99
CA LEU A 245 -3.93 -11.85 0.88
C LEU A 245 -4.11 -11.24 2.26
N GLY A 246 -4.98 -11.84 3.09
CA GLY A 246 -5.30 -11.37 4.45
C GLY A 246 -4.05 -11.16 5.27
N GLN A 247 -3.14 -12.13 5.26
CA GLN A 247 -1.92 -12.10 6.09
C GLN A 247 -1.06 -10.91 5.65
N TYR A 248 -0.98 -10.65 4.34
CA TYR A 248 -0.18 -9.55 3.74
C TYR A 248 -0.76 -8.18 4.15
N VAL A 249 -2.07 -7.99 3.97
CA VAL A 249 -2.77 -6.71 4.28
C VAL A 249 -2.51 -6.35 5.75
N ALA A 250 -2.48 -7.33 6.65
CA ALA A 250 -2.21 -7.14 8.10
C ALA A 250 -0.81 -6.54 8.28
N GLY A 251 0.17 -7.08 7.55
CA GLY A 251 1.56 -6.58 7.53
C GLY A 251 1.66 -5.14 7.08
N MET A 252 0.89 -4.74 6.06
CA MET A 252 0.92 -3.36 5.48
C MET A 252 0.66 -2.35 6.60
N GLY A 253 -0.22 -2.72 7.54
CA GLY A 253 -0.53 -1.93 8.74
C GLY A 253 0.55 -2.05 9.81
N PHE A 254 0.70 -3.23 10.42
CA PHE A 254 1.36 -3.37 11.75
C PHE A 254 2.86 -3.08 11.62
N SER A 255 3.46 -3.34 10.46
CA SER A 255 4.86 -2.91 10.15
C SER A 255 5.07 -1.44 10.53
N ASN A 256 4.07 -0.60 10.27
CA ASN A 256 4.19 0.87 10.23
C ASN A 256 3.68 1.51 11.54
N VAL A 257 2.87 0.79 12.33
CA VAL A 257 2.30 1.35 13.60
C VAL A 257 2.66 0.49 14.82
N GLY A 258 2.88 -0.82 14.66
CA GLY A 258 3.24 -1.72 15.77
C GLY A 258 2.08 -2.57 16.24
N VAL A 259 2.31 -3.34 17.31
CA VAL A 259 1.36 -4.37 17.81
C VAL A 259 1.19 -4.13 19.32
N GLY A 260 1.36 -5.15 20.17
CA GLY A 260 1.21 -4.95 21.62
C GLY A 260 1.74 -6.11 22.44
N LEU A 261 1.06 -6.33 23.57
CA LEU A 261 1.50 -7.24 24.66
C LEU A 261 1.48 -8.69 24.17
N VAL A 262 0.66 -9.08 23.19
CA VAL A 262 0.61 -10.51 22.77
C VAL A 262 1.99 -10.88 22.22
N HIS A 263 2.51 -10.08 21.29
CA HIS A 263 3.86 -10.26 20.69
C HIS A 263 4.94 -10.14 21.76
N GLY A 264 4.80 -9.16 22.64
CA GLY A 264 5.76 -8.95 23.75
C GLY A 264 5.85 -10.16 24.66
N MET A 265 4.71 -10.83 24.92
CA MET A 265 4.64 -12.05 25.76
C MET A 265 5.02 -13.29 24.95
N ALA A 266 4.84 -13.31 23.64
CA ALA A 266 5.12 -14.53 22.83
C ALA A 266 6.62 -14.70 22.60
N HIS A 267 7.39 -13.61 22.53
CA HIS A 267 8.84 -13.59 22.19
C HIS A 267 9.66 -14.35 23.23
N PRO A 268 9.51 -14.06 24.56
CA PRO A 268 10.19 -14.84 25.59
C PRO A 268 9.91 -16.35 25.51
N LEU A 269 8.69 -16.77 25.14
CA LEU A 269 8.35 -18.20 24.98
C LEU A 269 9.21 -18.80 23.86
N GLY A 270 9.37 -18.07 22.76
CA GLY A 270 10.26 -18.46 21.64
C GLY A 270 11.69 -18.61 22.11
N ALA A 271 12.18 -17.67 22.90
CA ALA A 271 13.58 -17.65 23.41
C ALA A 271 13.80 -18.78 24.42
N PHE A 272 12.93 -18.92 25.42
CA PHE A 272 13.07 -19.93 26.52
C PHE A 272 12.91 -21.36 25.98
N TYR A 273 11.91 -21.66 25.15
CA TYR A 273 11.47 -23.04 24.85
C TYR A 273 11.42 -23.37 23.36
N ASN A 274 11.79 -22.45 22.46
CA ASN A 274 11.64 -22.64 21.00
C ASN A 274 10.17 -22.93 20.66
N THR A 275 9.20 -22.37 21.41
CA THR A 275 7.76 -22.46 21.08
C THR A 275 7.53 -21.83 19.71
N PRO A 276 6.76 -22.47 18.80
CA PRO A 276 6.42 -21.83 17.54
C PRO A 276 5.68 -20.50 17.82
N HIS A 277 6.07 -19.45 17.12
CA HIS A 277 5.55 -18.06 17.28
C HIS A 277 4.02 -18.03 17.18
N GLY A 278 3.46 -18.71 16.19
CA GLY A 278 2.02 -18.72 15.90
C GLY A 278 1.20 -19.28 17.04
N VAL A 279 1.67 -20.38 17.65
CA VAL A 279 0.92 -21.11 18.71
C VAL A 279 0.89 -20.27 19.98
N ALA A 280 2.01 -19.67 20.35
CA ALA A 280 2.16 -18.77 21.51
C ALA A 280 1.19 -17.60 21.36
N ASN A 281 1.23 -16.89 20.22
CA ASN A 281 0.35 -15.74 19.91
C ASN A 281 -1.10 -16.18 20.04
N ALA A 282 -1.48 -17.29 19.40
CA ALA A 282 -2.86 -17.82 19.37
C ALA A 282 -3.39 -18.06 20.79
N ILE A 283 -2.58 -18.65 21.68
CA ILE A 283 -3.00 -18.98 23.07
C ILE A 283 -3.20 -17.70 23.88
N LEU A 284 -2.27 -16.74 23.75
CA LEU A 284 -2.26 -15.48 24.52
C LEU A 284 -3.36 -14.52 24.02
N LEU A 285 -3.66 -14.50 22.72
CA LEU A 285 -4.48 -13.44 22.08
C LEU A 285 -5.75 -13.14 22.88
N PRO A 286 -6.64 -14.13 23.13
CA PRO A 286 -7.93 -13.83 23.75
C PRO A 286 -7.79 -13.30 25.18
N HIS A 287 -6.78 -13.76 25.93
CA HIS A 287 -6.48 -13.28 27.30
C HIS A 287 -6.02 -11.81 27.24
N VAL A 288 -5.12 -11.45 26.32
CA VAL A 288 -4.63 -10.05 26.19
C VAL A 288 -5.78 -9.16 25.70
N MET A 289 -6.64 -9.64 24.81
CA MET A 289 -7.80 -8.85 24.32
C MET A 289 -8.70 -8.49 25.50
N ARG A 290 -8.94 -9.43 26.42
CA ARG A 290 -9.82 -9.23 27.60
C ARG A 290 -9.20 -8.13 28.49
N TYR A 291 -7.89 -8.18 28.69
CA TYR A 291 -7.10 -7.21 29.50
C TYR A 291 -7.18 -5.81 28.88
N ASN A 292 -7.21 -5.73 27.55
CA ASN A 292 -7.14 -4.45 26.79
C ASN A 292 -8.55 -3.84 26.60
N ALA A 293 -9.62 -4.61 26.81
CA ALA A 293 -11.00 -4.31 26.33
C ALA A 293 -11.39 -2.83 26.57
N ASP A 294 -11.11 -2.30 27.77
CA ASP A 294 -11.63 -0.99 28.22
C ASP A 294 -10.86 0.19 27.58
N PHE A 295 -9.78 -0.06 26.84
CA PHE A 295 -8.91 0.98 26.25
C PHE A 295 -8.91 0.91 24.72
N THR A 296 -10.02 0.43 24.12
CA THR A 296 -10.13 0.14 22.67
C THR A 296 -11.33 0.87 22.05
N GLY A 297 -11.96 1.82 22.75
CA GLY A 297 -13.13 2.54 22.23
C GLY A 297 -14.16 1.58 21.68
N GLU A 298 -14.57 1.74 20.42
CA GLU A 298 -15.64 0.92 19.78
C GLU A 298 -15.02 -0.19 18.90
N LYS A 299 -13.70 -0.40 18.96
CA LYS A 299 -13.01 -1.25 17.94
C LYS A 299 -13.39 -2.73 18.09
N TYR A 300 -13.72 -3.23 19.29
CA TYR A 300 -14.10 -4.66 19.46
C TYR A 300 -15.46 -4.93 18.83
N ARG A 301 -16.33 -3.93 18.74
CA ARG A 301 -17.64 -4.05 18.06
C ARG A 301 -17.42 -4.26 16.57
N ASP A 302 -16.44 -3.56 15.97
CA ASP A 302 -16.04 -3.74 14.54
C ASP A 302 -15.47 -5.16 14.35
N ILE A 303 -14.57 -5.57 15.25
CA ILE A 303 -13.94 -6.93 15.24
C ILE A 303 -15.05 -7.99 15.33
N ALA A 304 -15.95 -7.88 16.31
CA ALA A 304 -17.06 -8.84 16.52
C ALA A 304 -17.87 -8.94 15.23
N ARG A 305 -18.22 -7.79 14.64
CA ARG A 305 -19.05 -7.72 13.41
C ARG A 305 -18.36 -8.53 12.30
N VAL A 306 -17.11 -8.23 11.97
CA VAL A 306 -16.41 -8.88 10.82
C VAL A 306 -16.11 -10.35 11.13
N MET A 307 -16.17 -10.78 12.40
CA MET A 307 -15.98 -12.20 12.80
C MET A 307 -17.33 -12.92 12.83
N GLY A 308 -18.42 -12.27 12.39
CA GLY A 308 -19.72 -12.92 12.14
C GLY A 308 -20.64 -12.92 13.35
N VAL A 309 -20.29 -12.21 14.42
CA VAL A 309 -21.19 -11.96 15.58
C VAL A 309 -22.31 -11.01 15.13
N LYS A 310 -23.56 -11.28 15.53
CA LYS A 310 -24.72 -10.37 15.28
C LYS A 310 -24.65 -9.22 16.29
N VAL A 311 -24.20 -8.03 15.89
CA VAL A 311 -23.97 -6.91 16.85
C VAL A 311 -25.15 -5.92 16.83
N GLU A 312 -26.18 -6.16 16.01
CA GLU A 312 -27.35 -5.25 15.82
C GLU A 312 -27.86 -4.76 17.18
N GLY A 313 -28.31 -5.67 18.04
CA GLY A 313 -28.89 -5.33 19.36
C GLY A 313 -27.85 -4.79 20.34
N MET A 314 -26.65 -5.37 20.36
CA MET A 314 -25.70 -5.40 21.51
C MET A 314 -25.21 -4.01 21.91
N GLY A 315 -25.15 -3.74 23.23
CA GLY A 315 -24.34 -2.66 23.82
C GLY A 315 -22.86 -2.97 23.66
N LEU A 316 -22.01 -2.01 23.98
CA LEU A 316 -20.55 -2.12 23.67
C LEU A 316 -19.92 -3.17 24.58
N GLU A 317 -20.38 -3.32 25.83
CA GLU A 317 -19.81 -4.28 26.80
C GLU A 317 -20.06 -5.72 26.35
N GLU A 318 -21.25 -5.99 25.83
CA GLU A 318 -21.62 -7.34 25.33
C GLU A 318 -20.79 -7.64 24.07
N ALA A 319 -20.63 -6.65 23.19
CA ALA A 319 -19.89 -6.74 21.89
C ALA A 319 -18.40 -6.98 22.16
N ARG A 320 -17.82 -6.32 23.17
CA ARG A 320 -16.44 -6.57 23.65
C ARG A 320 -16.29 -8.04 24.07
N ASN A 321 -17.19 -8.53 24.92
CA ASN A 321 -17.14 -9.93 25.42
C ASN A 321 -17.33 -10.89 24.24
N ALA A 322 -18.23 -10.57 23.29
CA ALA A 322 -18.51 -11.40 22.09
C ALA A 322 -17.28 -11.46 21.16
N ALA A 323 -16.53 -10.36 21.04
CA ALA A 323 -15.28 -10.32 20.24
C ALA A 323 -14.25 -11.32 20.81
N VAL A 324 -14.04 -11.29 22.14
CA VAL A 324 -13.11 -12.23 22.86
C VAL A 324 -13.59 -13.68 22.72
N GLU A 325 -14.90 -13.94 22.84
CA GLU A 325 -15.48 -15.30 22.70
C GLU A 325 -15.33 -15.81 21.25
N ALA A 326 -15.40 -14.92 20.24
CA ALA A 326 -15.20 -15.26 18.81
C ALA A 326 -13.78 -15.79 18.57
N VAL A 327 -12.79 -15.21 19.26
CA VAL A 327 -11.35 -15.65 19.17
C VAL A 327 -11.16 -16.98 19.91
N PHE A 328 -11.71 -17.15 21.11
CA PHE A 328 -11.70 -18.44 21.86
C PHE A 328 -12.26 -19.55 20.95
N ALA A 329 -13.42 -19.31 20.34
CA ALA A 329 -14.17 -20.30 19.52
C ALA A 329 -13.39 -20.65 18.25
N LEU A 330 -12.72 -19.67 17.63
CA LEU A 330 -11.88 -19.89 16.41
C LEU A 330 -10.68 -20.78 16.78
N ASN A 331 -10.00 -20.48 17.89
CA ASN A 331 -8.85 -21.27 18.41
C ASN A 331 -9.29 -22.73 18.64
N ARG A 332 -10.44 -22.93 19.30
CA ARG A 332 -11.04 -24.28 19.50
C ARG A 332 -11.26 -24.93 18.14
N ASP A 333 -11.85 -24.21 17.19
CA ASP A 333 -12.35 -24.74 15.90
C ASP A 333 -11.18 -25.24 15.04
N VAL A 334 -10.01 -24.60 15.10
CA VAL A 334 -8.84 -24.97 14.24
C VAL A 334 -7.81 -25.73 15.07
N GLY A 335 -8.14 -26.08 16.33
CA GLY A 335 -7.37 -27.03 17.15
C GLY A 335 -6.07 -26.44 17.69
N ILE A 336 -6.06 -25.15 18.03
CA ILE A 336 -4.97 -24.53 18.85
C ILE A 336 -5.11 -25.07 20.28
N PRO A 337 -4.00 -25.54 20.90
CA PRO A 337 -4.04 -25.90 22.32
C PRO A 337 -4.50 -24.71 23.16
N PRO A 338 -5.38 -24.91 24.15
CA PRO A 338 -5.92 -23.81 24.95
C PRO A 338 -5.03 -23.26 26.08
N HIS A 339 -3.99 -23.99 26.51
CA HIS A 339 -3.16 -23.62 27.69
C HIS A 339 -1.67 -23.67 27.37
N LEU A 340 -0.88 -22.84 28.07
CA LEU A 340 0.59 -22.74 27.87
C LEU A 340 1.26 -24.03 28.37
N ARG A 341 0.71 -24.67 29.41
CA ARG A 341 1.27 -25.94 29.97
C ARG A 341 1.30 -27.01 28.87
N ASP A 342 0.31 -27.00 27.97
CA ASP A 342 0.16 -28.01 26.89
C ASP A 342 1.34 -27.96 25.91
N VAL A 343 2.00 -26.81 25.77
CA VAL A 343 3.04 -26.61 24.70
C VAL A 343 4.45 -26.51 25.32
N GLY A 344 4.63 -26.81 26.61
CA GLY A 344 5.97 -27.00 27.21
C GLY A 344 6.46 -25.81 28.01
N VAL A 345 5.56 -24.97 28.50
CA VAL A 345 5.92 -23.84 29.41
C VAL A 345 6.00 -24.40 30.85
N ARG A 346 6.94 -23.87 31.65
CA ARG A 346 7.08 -24.16 33.10
C ARG A 346 6.59 -22.96 33.92
N LYS A 347 5.69 -23.26 34.86
CA LYS A 347 5.17 -22.37 35.95
C LYS A 347 6.33 -21.58 36.57
N GLU A 348 7.41 -22.27 36.93
CA GLU A 348 8.60 -21.73 37.63
C GLU A 348 9.18 -20.55 36.84
N ASP A 349 9.04 -20.54 35.52
CA ASP A 349 9.71 -19.57 34.61
C ASP A 349 8.92 -18.26 34.50
N ILE A 350 7.68 -18.18 34.97
CA ILE A 350 6.77 -17.05 34.61
C ILE A 350 7.33 -15.70 35.07
N PRO A 351 7.87 -15.55 36.32
CA PRO A 351 8.53 -14.31 36.70
C PRO A 351 9.60 -13.78 35.73
N ALA A 352 10.50 -14.64 35.23
CA ALA A 352 11.54 -14.29 34.24
C ALA A 352 10.88 -13.98 32.87
N LEU A 353 9.94 -14.81 32.42
CA LEU A 353 9.17 -14.57 31.18
C LEU A 353 8.54 -13.17 31.25
N ALA A 354 7.83 -12.88 32.34
CA ALA A 354 7.10 -11.63 32.59
C ALA A 354 8.04 -10.42 32.46
N GLN A 355 9.25 -10.52 33.01
CA GLN A 355 10.24 -9.41 32.98
C GLN A 355 10.75 -9.21 31.54
N ALA A 356 11.02 -10.30 30.79
CA ALA A 356 11.47 -10.25 29.39
C ALA A 356 10.35 -9.64 28.53
N ALA A 357 9.09 -9.92 28.85
CA ALA A 357 7.90 -9.38 28.14
C ALA A 357 7.76 -7.88 28.42
N LEU A 358 7.93 -7.46 29.69
CA LEU A 358 7.88 -6.03 30.08
C LEU A 358 8.95 -5.23 29.31
N ASP A 359 10.10 -5.84 29.04
CA ASP A 359 11.27 -5.17 28.39
C ASP A 359 11.19 -5.25 26.87
N ASP A 360 10.40 -6.17 26.30
CA ASP A 360 10.25 -6.36 24.84
C ASP A 360 9.65 -5.11 24.17
N VAL A 361 10.24 -4.66 23.06
CA VAL A 361 9.86 -3.40 22.33
C VAL A 361 8.37 -3.42 21.95
N CYS A 362 7.85 -4.59 21.57
CA CYS A 362 6.46 -4.77 21.06
C CYS A 362 5.45 -4.38 22.15
N THR A 363 5.84 -4.50 23.42
CA THR A 363 4.97 -4.29 24.60
C THR A 363 4.54 -2.82 24.66
N GLY A 364 5.43 -1.91 24.24
CA GLY A 364 5.22 -0.44 24.21
C GLY A 364 3.97 -0.03 23.43
N GLY A 365 3.62 -0.75 22.36
CA GLY A 365 2.46 -0.41 21.51
C GLY A 365 1.13 -0.72 22.17
N ASN A 366 1.11 -1.53 23.24
CA ASN A 366 -0.13 -2.03 23.89
C ASN A 366 -0.96 -0.84 24.36
N PRO A 367 -2.29 -0.80 24.07
CA PRO A 367 -3.11 0.36 24.41
C PRO A 367 -3.29 0.56 25.92
N ARG A 368 -3.17 -0.50 26.71
CA ARG A 368 -3.20 -0.45 28.19
C ARG A 368 -1.76 -0.58 28.70
N GLU A 369 -1.37 0.28 29.63
CA GLU A 369 0.00 0.29 30.21
C GLU A 369 0.18 -1.00 31.05
N ALA A 370 1.04 -1.91 30.60
CA ALA A 370 1.28 -3.21 31.25
C ALA A 370 2.28 -3.02 32.40
N THR A 371 1.93 -3.46 33.61
CA THR A 371 2.85 -3.63 34.77
C THR A 371 3.38 -5.08 34.79
N LEU A 372 4.53 -5.31 35.44
CA LEU A 372 5.11 -6.65 35.66
C LEU A 372 4.06 -7.59 36.26
N GLU A 373 3.27 -7.07 37.20
CA GLU A 373 2.28 -7.83 38.01
C GLU A 373 1.12 -8.29 37.11
N ASP A 374 0.68 -7.43 36.18
CA ASP A 374 -0.42 -7.75 35.24
C ASP A 374 0.04 -8.90 34.34
N ILE A 375 1.28 -8.84 33.85
CA ILE A 375 1.81 -9.81 32.85
C ILE A 375 1.94 -11.17 33.54
N VAL A 376 2.56 -11.21 34.72
CA VAL A 376 2.63 -12.41 35.61
C VAL A 376 1.24 -13.04 35.71
N GLU A 377 0.20 -12.26 36.00
CA GLU A 377 -1.19 -12.78 36.18
C GLU A 377 -1.71 -13.28 34.82
N LEU A 378 -1.40 -12.58 33.73
CA LEU A 378 -1.86 -12.96 32.36
C LEU A 378 -1.28 -14.32 31.97
N TYR A 379 0.01 -14.56 32.23
CA TYR A 379 0.69 -15.87 32.02
C TYR A 379 0.01 -16.96 32.87
N HIS A 380 -0.31 -16.69 34.14
CA HIS A 380 -1.00 -17.66 35.03
C HIS A 380 -2.37 -18.01 34.45
N THR A 381 -3.09 -17.05 33.86
CA THR A 381 -4.47 -17.27 33.34
C THR A 381 -4.44 -18.17 32.10
N ALA A 382 -3.42 -18.04 31.25
CA ALA A 382 -3.24 -18.85 30.01
C ALA A 382 -2.48 -20.14 30.33
N TRP A 383 -2.02 -20.31 31.57
CA TRP A 383 -1.18 -21.46 31.99
C TRP A 383 -2.01 -22.76 32.00
N THR A 384 -3.17 -22.74 32.64
CA THR A 384 -4.00 -23.95 32.94
C THR A 384 -5.41 -23.51 33.36
N SER A 385 -6.29 -24.47 33.63
CA SER A 385 -7.66 -24.26 34.17
C SER A 385 -7.58 -23.64 35.57
N ALA B 3 -2.55 -13.51 -12.12
CA ALA B 3 -2.00 -12.82 -10.89
C ALA B 3 -2.07 -11.29 -11.08
N ASN B 4 -2.32 -10.56 -9.99
CA ASN B 4 -2.49 -9.08 -9.96
C ASN B 4 -1.23 -8.44 -9.38
N ARG B 5 -0.71 -7.42 -10.06
CA ARG B 5 0.44 -6.61 -9.60
C ARG B 5 -0.06 -5.35 -8.88
N MET B 6 0.65 -4.98 -7.81
CA MET B 6 0.53 -3.65 -7.15
C MET B 6 1.90 -2.98 -7.19
N ILE B 7 1.95 -1.76 -7.73
CA ILE B 7 3.09 -0.82 -7.59
C ILE B 7 2.62 0.26 -6.62
N LEU B 8 3.43 0.55 -5.61
CA LEU B 8 3.15 1.58 -4.59
C LEU B 8 4.43 2.37 -4.32
N ASN B 9 4.34 3.47 -3.56
CA ASN B 9 5.55 4.18 -3.08
C ASN B 9 6.18 3.27 -2.03
N GLU B 10 7.49 3.05 -2.15
CA GLU B 10 8.30 2.37 -1.11
C GLU B 10 8.20 3.17 0.21
N THR B 11 8.29 4.50 0.16
CA THR B 11 8.26 5.41 1.33
C THR B 11 7.21 6.50 1.14
N ALA B 12 6.34 6.72 2.11
CA ALA B 12 5.35 7.81 2.06
C ALA B 12 5.19 8.44 3.44
N TRP B 13 5.13 9.78 3.51
CA TRP B 13 4.85 10.56 4.74
C TRP B 13 3.51 11.28 4.60
N PHE B 14 2.66 11.17 5.62
CA PHE B 14 1.25 11.67 5.67
C PHE B 14 1.06 12.58 6.88
N GLY B 15 0.33 13.68 6.71
CA GLY B 15 -0.05 14.60 7.80
C GLY B 15 0.48 16.00 7.56
N ARG B 16 -0.18 16.99 8.15
CA ARG B 16 0.33 18.37 8.17
C ARG B 16 1.74 18.31 8.75
N GLY B 17 2.72 18.87 8.05
CA GLY B 17 4.13 18.88 8.47
C GLY B 17 4.98 17.81 7.81
N ALA B 18 4.38 16.93 7.00
CA ALA B 18 5.08 15.79 6.34
C ALA B 18 6.31 16.26 5.56
N VAL B 19 6.28 17.45 4.94
CA VAL B 19 7.46 17.99 4.17
C VAL B 19 8.62 18.24 5.14
N GLY B 20 8.34 18.29 6.45
CA GLY B 20 9.34 18.23 7.54
C GLY B 20 10.33 17.08 7.39
N ALA B 21 9.92 15.96 6.78
CA ALA B 21 10.75 14.74 6.66
C ALA B 21 11.70 14.81 5.46
N LEU B 22 11.51 15.74 4.53
CA LEU B 22 12.22 15.74 3.22
C LEU B 22 13.74 15.85 3.40
N THR B 23 14.25 16.81 4.19
CA THR B 23 15.73 17.03 4.33
C THR B 23 16.40 15.77 4.88
N ASP B 24 15.82 15.11 5.89
CA ASP B 24 16.36 13.83 6.45
C ASP B 24 16.38 12.75 5.36
N GLU B 25 15.32 12.61 4.57
CA GLU B 25 15.24 11.59 3.49
C GLU B 25 16.36 11.82 2.48
N VAL B 26 16.63 13.08 2.13
CA VAL B 26 17.66 13.42 1.12
C VAL B 26 19.05 13.03 1.66
N LYS B 27 19.36 13.39 2.90
CA LYS B 27 20.68 13.11 3.54
C LYS B 27 20.91 11.59 3.58
N ARG B 28 19.92 10.82 4.02
CA ARG B 28 20.00 9.33 4.11
C ARG B 28 20.24 8.71 2.73
N ARG B 29 19.73 9.32 1.65
CA ARG B 29 19.88 8.80 0.27
C ARG B 29 21.18 9.29 -0.36
N GLY B 30 21.85 10.29 0.24
CA GLY B 30 23.17 10.77 -0.22
C GLY B 30 23.11 11.66 -1.45
N TYR B 31 21.93 12.18 -1.86
CA TYR B 31 21.78 13.01 -3.10
C TYR B 31 22.51 14.36 -2.93
N GLN B 32 23.05 14.91 -4.03
CA GLN B 32 23.90 16.14 -4.01
C GLN B 32 23.12 17.39 -4.46
N LYS B 33 22.14 17.27 -5.37
CA LYS B 33 21.52 18.46 -6.03
C LYS B 33 20.16 18.13 -6.65
N ALA B 34 19.11 18.82 -6.21
CA ALA B 34 17.73 18.70 -6.73
C ALA B 34 17.52 19.62 -7.93
N LEU B 35 16.74 19.17 -8.91
CA LEU B 35 15.93 20.09 -9.75
C LEU B 35 14.49 20.06 -9.24
N ILE B 36 13.97 21.21 -8.82
CA ILE B 36 12.54 21.38 -8.45
C ILE B 36 11.74 21.68 -9.71
N VAL B 37 10.71 20.86 -9.96
CA VAL B 37 9.77 20.98 -11.09
C VAL B 37 8.41 21.43 -10.52
N THR B 38 7.98 22.62 -10.92
CA THR B 38 6.80 23.31 -10.36
C THR B 38 6.23 24.29 -11.40
N ASP B 39 5.30 25.15 -11.00
CA ASP B 39 4.75 26.19 -11.90
C ASP B 39 4.88 27.57 -11.23
N LYS B 40 4.70 28.64 -12.00
CA LYS B 40 4.99 30.03 -11.56
C LYS B 40 4.03 30.40 -10.42
N THR B 41 2.77 29.97 -10.47
CA THR B 41 1.76 30.24 -9.40
C THR B 41 2.31 29.77 -8.04
N LEU B 42 2.83 28.54 -7.97
CA LEU B 42 3.29 27.91 -6.71
C LEU B 42 4.55 28.63 -6.18
N VAL B 43 5.42 29.15 -7.05
CA VAL B 43 6.56 30.00 -6.63
C VAL B 43 6.00 31.32 -6.05
N GLN B 44 5.15 32.00 -6.81
CA GLN B 44 4.58 33.34 -6.46
C GLN B 44 3.82 33.30 -5.13
N CYS B 45 3.02 32.24 -4.89
CA CYS B 45 2.16 32.10 -3.68
C CYS B 45 3.00 31.67 -2.46
N GLY B 46 4.28 31.35 -2.61
CA GLY B 46 5.16 30.98 -1.48
C GLY B 46 5.04 29.52 -1.07
N VAL B 47 4.42 28.67 -1.91
CA VAL B 47 4.28 27.21 -1.64
C VAL B 47 5.65 26.53 -1.81
N VAL B 48 6.40 26.88 -2.86
CA VAL B 48 7.73 26.26 -3.15
C VAL B 48 8.70 26.66 -2.03
N ALA B 49 8.56 27.86 -1.47
CA ALA B 49 9.40 28.36 -0.35
C ALA B 49 9.20 27.51 0.91
N LYS B 50 8.02 26.90 1.09
CA LYS B 50 7.79 25.99 2.25
C LYS B 50 8.81 24.84 2.21
N VAL B 51 9.23 24.44 1.01
CA VAL B 51 10.23 23.34 0.85
C VAL B 51 11.63 23.93 0.85
N THR B 52 11.92 24.92 -0.02
CA THR B 52 13.29 25.43 -0.29
C THR B 52 13.89 26.10 0.95
N ASP B 53 13.08 26.74 1.79
CA ASP B 53 13.54 27.34 3.08
C ASP B 53 14.09 26.24 4.01
N LYS B 54 13.43 25.08 4.10
CA LYS B 54 13.94 23.91 4.87
C LYS B 54 15.22 23.38 4.20
N MET B 55 15.28 23.35 2.87
CA MET B 55 16.47 22.84 2.14
C MET B 55 17.66 23.79 2.33
N ASP B 56 17.43 25.10 2.23
CA ASP B 56 18.47 26.15 2.46
C ASP B 56 19.01 26.04 3.89
N ALA B 57 18.14 25.88 4.89
CA ALA B 57 18.54 25.73 6.31
C ALA B 57 19.39 24.46 6.52
N ALA B 58 19.15 23.38 5.76
CA ALA B 58 19.87 22.10 5.92
C ALA B 58 21.10 22.05 5.01
N GLY B 59 21.32 23.09 4.22
CA GLY B 59 22.43 23.22 3.24
C GLY B 59 22.27 22.29 2.05
N LEU B 60 21.06 22.09 1.51
CA LEU B 60 20.84 21.14 0.38
C LEU B 60 20.67 21.95 -0.91
N ALA B 61 21.50 21.67 -1.93
CA ALA B 61 21.51 22.43 -3.20
C ALA B 61 20.26 22.11 -4.05
N TRP B 62 19.72 23.13 -4.71
CA TRP B 62 18.58 22.95 -5.65
C TRP B 62 18.64 24.01 -6.76
N ALA B 63 18.23 23.62 -7.96
CA ALA B 63 17.83 24.49 -9.09
C ALA B 63 16.32 24.32 -9.25
N ILE B 64 15.69 25.14 -10.09
CA ILE B 64 14.21 25.12 -10.26
C ILE B 64 13.89 25.28 -11.75
N TYR B 65 12.89 24.53 -12.21
CA TYR B 65 12.21 24.75 -13.51
C TYR B 65 10.74 25.02 -13.19
N ASP B 66 10.24 26.22 -13.48
CA ASP B 66 8.89 26.66 -13.09
C ASP B 66 8.04 26.93 -14.35
N GLY B 67 8.41 26.33 -15.48
CA GLY B 67 7.75 26.54 -16.78
C GLY B 67 6.55 25.63 -17.01
N VAL B 68 6.13 24.82 -16.03
CA VAL B 68 5.00 23.86 -16.26
C VAL B 68 3.70 24.66 -16.44
N VAL B 69 2.84 24.20 -17.36
CA VAL B 69 1.48 24.76 -17.60
C VAL B 69 0.48 23.63 -17.35
N PRO B 70 -0.79 23.91 -17.02
CA PRO B 70 -1.83 22.87 -17.00
C PRO B 70 -1.97 22.10 -18.32
N ASN B 71 -2.16 20.79 -18.26
CA ASN B 71 -2.15 19.88 -19.44
C ASN B 71 -0.79 20.01 -20.11
N PRO B 72 0.29 19.58 -19.41
CA PRO B 72 1.65 19.87 -19.85
C PRO B 72 1.91 19.28 -21.25
N THR B 73 2.66 20.00 -22.06
CA THR B 73 2.85 19.74 -23.51
C THR B 73 4.21 19.08 -23.70
N ILE B 74 4.42 18.48 -24.87
CA ILE B 74 5.74 17.96 -25.33
C ILE B 74 6.80 19.06 -25.12
N THR B 75 6.49 20.32 -25.46
CA THR B 75 7.42 21.49 -25.37
C THR B 75 7.82 21.71 -23.91
N VAL B 76 6.89 21.61 -22.97
CA VAL B 76 7.19 21.79 -21.51
C VAL B 76 8.14 20.66 -21.05
N VAL B 77 7.94 19.43 -21.51
CA VAL B 77 8.81 18.27 -21.19
C VAL B 77 10.22 18.53 -21.75
N LYS B 78 10.36 18.90 -23.02
CA LYS B 78 11.69 19.09 -23.67
C LYS B 78 12.45 20.24 -23.01
N GLU B 79 11.75 21.30 -22.61
CA GLU B 79 12.36 22.51 -21.99
C GLU B 79 12.89 22.17 -20.59
N GLY B 80 12.07 21.48 -19.78
CA GLY B 80 12.45 20.93 -18.46
C GLY B 80 13.61 19.96 -18.57
N LEU B 81 13.62 19.07 -19.56
CA LEU B 81 14.72 18.10 -19.78
C LEU B 81 16.04 18.85 -19.97
N GLY B 82 16.04 19.86 -20.85
CA GLY B 82 17.20 20.73 -21.11
C GLY B 82 17.75 21.35 -19.84
N VAL B 83 16.87 21.85 -18.97
CA VAL B 83 17.25 22.48 -17.68
C VAL B 83 17.87 21.41 -16.77
N PHE B 84 17.25 20.24 -16.65
CA PHE B 84 17.78 19.15 -15.78
C PHE B 84 19.19 18.78 -16.24
N GLN B 85 19.38 18.55 -17.54
CA GLN B 85 20.68 18.11 -18.13
C GLN B 85 21.77 19.14 -17.82
N ASN B 86 21.47 20.44 -17.95
CA ASN B 86 22.46 21.53 -17.73
C ASN B 86 22.65 21.83 -16.25
N SER B 87 21.79 21.33 -15.38
CA SER B 87 21.75 21.67 -13.92
C SER B 87 22.82 20.91 -13.13
N GLY B 88 23.18 19.69 -13.57
CA GLY B 88 24.01 18.75 -12.79
C GLY B 88 23.24 18.15 -11.61
N ALA B 89 21.90 18.25 -11.59
CA ALA B 89 21.03 17.65 -10.56
C ALA B 89 21.13 16.13 -10.63
N ASP B 90 21.08 15.45 -9.48
CA ASP B 90 21.07 13.96 -9.41
C ASP B 90 19.70 13.45 -8.91
N TYR B 91 18.74 14.33 -8.63
CA TYR B 91 17.35 13.91 -8.29
C TYR B 91 16.37 15.04 -8.57
N LEU B 92 15.08 14.69 -8.55
CA LEU B 92 13.96 15.59 -8.87
C LEU B 92 13.06 15.72 -7.63
N ILE B 93 12.57 16.92 -7.38
CA ILE B 93 11.45 17.17 -6.43
C ILE B 93 10.30 17.79 -7.23
N ALA B 94 9.17 17.09 -7.31
CA ALA B 94 7.95 17.56 -7.99
C ALA B 94 7.06 18.26 -6.97
N ILE B 95 6.84 19.56 -7.16
CA ILE B 95 5.98 20.39 -6.30
C ILE B 95 4.83 20.92 -7.15
N GLY B 96 3.63 20.38 -6.92
CA GLY B 96 2.42 20.86 -7.60
C GLY B 96 1.39 19.75 -7.75
N GLY B 97 0.37 20.00 -8.58
CA GLY B 97 -0.67 19.01 -8.91
C GLY B 97 -0.18 18.04 -9.96
N GLY B 98 -1.12 17.39 -10.64
CA GLY B 98 -0.83 16.40 -11.69
C GLY B 98 0.05 16.96 -12.79
N SER B 99 -0.04 18.26 -13.10
CA SER B 99 0.66 18.85 -14.25
C SER B 99 2.18 18.85 -14.01
N PRO B 100 2.70 19.45 -12.92
CA PRO B 100 4.13 19.33 -12.63
C PRO B 100 4.63 17.92 -12.28
N GLN B 101 3.83 17.12 -11.56
CA GLN B 101 4.20 15.74 -11.18
C GLN B 101 4.32 14.88 -12.45
N ASP B 102 3.42 15.04 -13.41
CA ASP B 102 3.47 14.30 -14.70
C ASP B 102 4.67 14.78 -15.54
N THR B 103 5.01 16.06 -15.51
CA THR B 103 6.18 16.62 -16.24
C THR B 103 7.47 16.05 -15.64
N CYS B 104 7.54 15.98 -14.32
CA CYS B 104 8.68 15.48 -13.54
C CYS B 104 8.95 13.99 -13.85
N LYS B 105 7.90 13.18 -13.93
CA LYS B 105 8.01 11.74 -14.32
C LYS B 105 8.63 11.64 -15.71
N ALA B 106 8.12 12.41 -16.68
CA ALA B 106 8.62 12.45 -18.08
C ALA B 106 10.12 12.80 -18.11
N ILE B 107 10.52 13.85 -17.39
CA ILE B 107 11.94 14.32 -17.37
C ILE B 107 12.84 13.24 -16.78
N GLY B 108 12.45 12.67 -15.64
CA GLY B 108 13.21 11.61 -14.93
C GLY B 108 13.37 10.36 -15.78
N ILE B 109 12.33 9.96 -16.52
CA ILE B 109 12.42 8.79 -17.45
C ILE B 109 13.37 9.10 -18.60
N ILE B 110 13.19 10.24 -19.28
CA ILE B 110 13.95 10.54 -20.52
C ILE B 110 15.42 10.74 -20.15
N SER B 111 15.68 11.37 -19.02
CA SER B 111 17.06 11.61 -18.52
C SER B 111 17.86 10.30 -18.43
N ASN B 112 17.27 9.19 -17.94
CA ASN B 112 17.96 7.87 -17.81
C ASN B 112 17.68 6.95 -19.01
N ASN B 113 16.79 7.35 -19.93
CA ASN B 113 16.44 6.60 -21.16
C ASN B 113 16.40 7.59 -22.32
N PRO B 114 17.56 8.18 -22.71
CA PRO B 114 17.58 9.32 -23.62
C PRO B 114 17.13 9.08 -25.08
N GLU B 115 16.95 7.83 -25.51
CA GLU B 115 16.32 7.49 -26.80
C GLU B 115 14.86 7.96 -26.86
N PHE B 116 14.25 8.38 -25.74
CA PHE B 116 12.83 8.83 -25.71
C PHE B 116 12.71 10.37 -25.73
N ALA B 117 13.76 11.11 -26.09
CA ALA B 117 13.80 12.59 -26.01
C ALA B 117 12.84 13.27 -27.02
N ASP B 118 12.30 12.52 -27.98
CA ASP B 118 11.15 12.93 -28.85
C ASP B 118 9.84 13.04 -28.04
N VAL B 119 9.74 12.30 -26.93
CA VAL B 119 8.60 12.26 -25.95
C VAL B 119 7.43 11.41 -26.48
N ARG B 120 7.04 11.58 -27.74
CA ARG B 120 5.91 10.82 -28.34
C ARG B 120 6.10 9.31 -28.12
N SER B 121 7.31 8.79 -28.28
CA SER B 121 7.56 7.33 -28.29
C SER B 121 7.35 6.72 -26.90
N LEU B 122 7.10 7.53 -25.86
CA LEU B 122 6.82 7.04 -24.49
C LEU B 122 5.38 6.54 -24.36
N GLU B 123 4.51 6.85 -25.32
CA GLU B 123 3.06 6.50 -25.23
C GLU B 123 2.88 5.00 -25.02
N GLY B 124 1.95 4.60 -24.14
CA GLY B 124 1.61 3.20 -23.86
C GLY B 124 2.47 2.62 -22.75
N LEU B 125 2.73 1.31 -22.80
CA LEU B 125 3.63 0.61 -21.84
C LEU B 125 5.08 0.90 -22.25
N SER B 126 5.60 2.06 -21.85
CA SER B 126 6.93 2.57 -22.28
C SER B 126 7.96 1.45 -22.16
N PRO B 127 8.67 1.05 -23.26
CA PRO B 127 9.75 0.07 -23.18
C PRO B 127 11.10 0.59 -22.65
N THR B 128 11.10 1.18 -21.44
CA THR B 128 12.29 1.77 -20.81
C THR B 128 13.15 0.66 -20.18
N ASN B 129 14.46 0.75 -20.32
CA ASN B 129 15.47 -0.16 -19.70
C ASN B 129 15.85 0.28 -18.29
N LYS B 130 15.83 1.58 -17.99
CA LYS B 130 16.35 2.14 -16.70
C LYS B 130 15.23 2.75 -15.87
N PRO B 131 15.33 2.66 -14.52
CA PRO B 131 14.47 3.43 -13.63
C PRO B 131 14.65 4.92 -13.93
N SER B 132 13.59 5.69 -13.70
CA SER B 132 13.61 7.17 -13.61
C SER B 132 14.72 7.64 -12.65
N VAL B 133 15.33 8.79 -12.96
CA VAL B 133 15.99 9.64 -11.94
C VAL B 133 15.10 9.60 -10.70
N PRO B 134 15.66 9.47 -9.47
CA PRO B 134 14.83 9.43 -8.26
C PRO B 134 13.91 10.65 -8.15
N ILE B 135 12.62 10.44 -7.90
CA ILE B 135 11.61 11.54 -7.71
C ILE B 135 11.12 11.53 -6.26
N LEU B 136 11.17 12.70 -5.61
CA LEU B 136 10.45 13.02 -4.36
C LEU B 136 9.24 13.88 -4.73
N ALA B 137 8.02 13.39 -4.49
CA ALA B 137 6.76 13.99 -4.98
C ALA B 137 6.01 14.64 -3.83
N ILE B 138 5.57 15.89 -4.03
CA ILE B 138 4.87 16.74 -3.03
C ILE B 138 3.63 17.31 -3.69
N PRO B 139 2.46 16.65 -3.59
CA PRO B 139 1.22 17.18 -4.15
C PRO B 139 0.77 18.48 -3.48
N THR B 140 0.20 19.40 -4.27
CA THR B 140 -0.41 20.67 -3.79
C THR B 140 -1.90 20.70 -4.11
N THR B 141 -2.47 19.67 -4.76
CA THR B 141 -3.94 19.48 -4.98
C THR B 141 -4.40 18.18 -4.32
N ALA B 142 -5.72 18.02 -4.15
CA ALA B 142 -6.33 16.85 -3.48
C ALA B 142 -7.52 16.34 -4.27
N GLY B 143 -7.28 15.73 -5.44
CA GLY B 143 -5.94 15.45 -5.95
C GLY B 143 -5.95 14.41 -7.07
N THR B 144 -4.88 14.36 -7.85
CA THR B 144 -4.70 13.43 -9.00
C THR B 144 -4.09 12.11 -8.51
N ALA B 145 -3.45 12.10 -7.35
CA ALA B 145 -2.70 10.95 -6.80
C ALA B 145 -1.49 10.59 -7.69
N ALA B 146 -0.99 11.54 -8.49
CA ALA B 146 0.17 11.37 -9.40
C ALA B 146 1.41 10.91 -8.63
N GLU B 147 1.47 11.21 -7.33
CA GLU B 147 2.61 10.86 -6.44
C GLU B 147 2.73 9.33 -6.29
N VAL B 148 1.64 8.58 -6.46
CA VAL B 148 1.60 7.10 -6.22
C VAL B 148 1.18 6.32 -7.48
N THR B 149 0.92 6.95 -8.63
CA THR B 149 0.55 6.20 -9.86
C THR B 149 1.79 5.97 -10.73
N ILE B 150 1.70 5.01 -11.65
CA ILE B 150 2.79 4.71 -12.63
C ILE B 150 2.45 5.38 -13.98
N ASN B 151 1.46 6.26 -14.00
CA ASN B 151 1.00 6.94 -15.24
C ASN B 151 1.47 8.39 -15.22
N TYR B 152 1.64 8.95 -16.41
CA TYR B 152 1.71 10.41 -16.63
C TYR B 152 1.08 10.70 -18.00
N VAL B 153 0.47 11.89 -18.14
CA VAL B 153 -0.32 12.27 -19.34
C VAL B 153 0.28 13.55 -19.94
N ILE B 154 0.69 13.48 -21.20
CA ILE B 154 1.27 14.63 -21.95
C ILE B 154 0.32 15.00 -23.10
N THR B 155 0.24 16.30 -23.39
CA THR B 155 -0.53 16.87 -24.53
C THR B 155 0.39 16.99 -25.74
N ASP B 156 0.02 16.31 -26.82
CA ASP B 156 0.59 16.50 -28.18
C ASP B 156 -0.17 17.63 -28.86
N GLU B 157 0.40 18.84 -28.92
CA GLU B 157 -0.26 20.02 -29.53
C GLU B 157 -0.49 19.81 -31.03
N GLU B 158 0.53 19.35 -31.75
CA GLU B 158 0.49 19.11 -33.22
C GLU B 158 -0.70 18.21 -33.56
N LYS B 159 -0.98 17.20 -32.73
CA LYS B 159 -1.98 16.14 -33.03
C LYS B 159 -3.24 16.34 -32.20
N ARG B 160 -3.30 17.38 -31.36
CA ARG B 160 -4.51 17.76 -30.56
C ARG B 160 -5.01 16.56 -29.73
N ARG B 161 -4.11 15.91 -28.99
CA ARG B 161 -4.45 14.71 -28.19
C ARG B 161 -3.58 14.64 -26.94
N LYS B 162 -4.16 14.14 -25.85
CA LYS B 162 -3.46 13.77 -24.61
C LYS B 162 -3.11 12.29 -24.75
N PHE B 163 -1.86 11.90 -24.51
CA PHE B 163 -1.40 10.49 -24.54
C PHE B 163 -0.93 10.04 -23.15
N VAL B 164 -1.27 8.80 -22.78
CA VAL B 164 -1.01 8.19 -21.45
C VAL B 164 0.26 7.33 -21.54
N CYS B 165 1.25 7.64 -20.71
CA CYS B 165 2.50 6.84 -20.52
C CYS B 165 2.35 6.03 -19.23
N VAL B 166 2.50 4.70 -19.31
CA VAL B 166 2.35 3.77 -18.16
C VAL B 166 3.68 3.02 -18.01
N ASP B 167 4.35 3.21 -16.88
CA ASP B 167 5.73 2.68 -16.70
C ASP B 167 6.04 2.53 -15.21
N PRO B 168 6.18 1.29 -14.69
CA PRO B 168 6.64 1.08 -13.32
C PRO B 168 7.96 1.79 -12.98
N HIS B 169 8.80 2.05 -13.99
CA HIS B 169 10.09 2.78 -13.83
C HIS B 169 9.90 4.23 -13.35
N ASP B 170 8.69 4.81 -13.46
CA ASP B 170 8.49 6.24 -13.13
C ASP B 170 8.01 6.42 -11.69
N ILE B 171 7.81 5.35 -10.90
CA ILE B 171 7.18 5.46 -9.54
C ILE B 171 8.09 6.33 -8.67
N PRO B 172 7.57 7.41 -8.04
CA PRO B 172 8.35 8.15 -7.05
C PRO B 172 8.84 7.30 -5.88
N GLN B 173 10.06 7.60 -5.42
CA GLN B 173 10.74 6.91 -4.31
C GLN B 173 10.11 7.35 -2.99
N VAL B 174 9.76 8.63 -2.87
CA VAL B 174 9.07 9.15 -1.66
C VAL B 174 7.95 10.10 -2.08
N ALA B 175 6.79 9.93 -1.45
CA ALA B 175 5.64 10.86 -1.50
C ALA B 175 5.53 11.54 -0.14
N PHE B 176 5.32 12.86 -0.13
CA PHE B 176 5.05 13.69 1.07
C PHE B 176 3.67 14.32 0.90
N ILE B 177 2.68 13.83 1.64
CA ILE B 177 1.24 14.18 1.51
C ILE B 177 0.88 15.06 2.72
N ASP B 178 1.01 16.37 2.51
CA ASP B 178 1.01 17.42 3.57
C ASP B 178 -0.08 18.44 3.23
N ALA B 179 -1.20 18.45 3.98
CA ALA B 179 -2.35 19.34 3.74
C ALA B 179 -1.95 20.82 3.87
N ASP B 180 -0.87 21.13 4.59
CA ASP B 180 -0.31 22.50 4.66
C ASP B 180 0.09 22.97 3.25
N MET B 181 0.49 22.06 2.36
CA MET B 181 0.89 22.41 0.97
C MET B 181 -0.35 22.64 0.09
N MET B 182 -1.55 22.26 0.57
CA MET B 182 -2.82 22.25 -0.19
C MET B 182 -3.82 23.31 0.32
N ASP B 183 -3.61 23.92 1.48
CA ASP B 183 -4.57 24.88 2.10
C ASP B 183 -4.83 26.09 1.18
N GLY B 184 -3.85 26.49 0.36
CA GLY B 184 -3.94 27.71 -0.48
C GLY B 184 -4.79 27.51 -1.73
N MET B 185 -5.22 26.29 -2.06
CA MET B 185 -6.11 26.03 -3.21
C MET B 185 -7.36 26.91 -3.08
N PRO B 186 -7.75 27.72 -4.10
CA PRO B 186 -9.06 28.37 -4.07
C PRO B 186 -10.14 27.31 -3.89
N PRO B 187 -11.28 27.63 -3.24
CA PRO B 187 -12.41 26.69 -3.15
C PRO B 187 -12.80 25.96 -4.45
N ALA B 188 -12.85 26.63 -5.60
CA ALA B 188 -13.23 25.99 -6.89
C ALA B 188 -12.18 24.95 -7.28
N LEU B 189 -10.91 25.18 -6.93
CA LEU B 189 -9.84 24.20 -7.25
C LEU B 189 -9.96 23.00 -6.30
N LYS B 190 -10.29 23.23 -5.01
CA LYS B 190 -10.54 22.13 -4.03
C LYS B 190 -11.70 21.26 -4.53
N ALA B 191 -12.76 21.88 -5.03
CA ALA B 191 -13.98 21.20 -5.50
C ALA B 191 -13.64 20.31 -6.70
N ALA B 192 -13.00 20.87 -7.73
CA ALA B 192 -12.70 20.16 -9.00
C ALA B 192 -11.71 19.00 -8.78
N THR B 193 -10.60 19.23 -8.05
CA THR B 193 -9.60 18.16 -7.76
C THR B 193 -10.20 17.11 -6.80
N GLY B 194 -11.06 17.51 -5.88
CA GLY B 194 -11.80 16.63 -4.96
C GLY B 194 -12.69 15.66 -5.70
N VAL B 195 -13.45 16.15 -6.67
CA VAL B 195 -14.37 15.29 -7.46
C VAL B 195 -13.56 14.48 -8.46
N ASP B 196 -12.41 14.99 -8.92
CA ASP B 196 -11.48 14.15 -9.73
C ASP B 196 -11.07 12.92 -8.90
N ALA B 197 -10.70 13.09 -7.63
CA ALA B 197 -10.32 12.00 -6.70
C ALA B 197 -11.49 11.01 -6.54
N LEU B 198 -12.70 11.54 -6.37
CA LEU B 198 -13.94 10.72 -6.27
C LEU B 198 -14.13 9.91 -7.55
N THR B 199 -13.90 10.52 -8.72
CA THR B 199 -14.00 9.90 -10.07
C THR B 199 -13.03 8.71 -10.13
N HIS B 200 -11.78 8.90 -9.69
CA HIS B 200 -10.74 7.84 -9.58
C HIS B 200 -11.25 6.67 -8.75
N ALA B 201 -11.82 6.97 -7.58
CA ALA B 201 -12.27 5.98 -6.59
C ALA B 201 -13.48 5.21 -7.15
N ILE B 202 -14.46 5.93 -7.71
CA ILE B 202 -15.70 5.28 -8.26
C ILE B 202 -15.34 4.49 -9.53
N GLU B 203 -14.63 5.09 -10.48
CA GLU B 203 -14.23 4.38 -11.72
C GLU B 203 -13.39 3.14 -11.36
N GLY B 204 -12.43 3.30 -10.43
CA GLY B 204 -11.54 2.21 -9.98
C GLY B 204 -12.34 1.08 -9.32
N TYR B 205 -13.32 1.43 -8.49
CA TYR B 205 -14.18 0.46 -7.77
C TYR B 205 -14.92 -0.46 -8.75
N ILE B 206 -15.32 0.06 -9.93
CA ILE B 206 -16.20 -0.68 -10.88
C ILE B 206 -15.43 -1.08 -12.14
N THR B 207 -14.12 -0.84 -12.21
CA THR B 207 -13.33 -1.09 -13.45
C THR B 207 -13.27 -2.61 -13.68
N ARG B 208 -13.08 -3.04 -14.92
CA ARG B 208 -13.07 -4.48 -15.33
C ARG B 208 -12.03 -5.24 -14.50
N GLY B 209 -10.85 -4.65 -14.25
CA GLY B 209 -9.71 -5.31 -13.60
C GLY B 209 -9.84 -5.38 -12.08
N ALA B 210 -10.91 -4.82 -11.50
CA ALA B 210 -11.05 -4.67 -10.03
C ALA B 210 -10.86 -6.03 -9.34
N TRP B 211 -10.30 -6.05 -8.12
CA TRP B 211 -10.17 -7.27 -7.31
C TRP B 211 -10.18 -6.89 -5.83
N ALA B 212 -10.12 -7.87 -4.94
CA ALA B 212 -10.40 -7.74 -3.49
C ALA B 212 -9.64 -6.54 -2.90
N LEU B 213 -8.33 -6.41 -3.15
CA LEU B 213 -7.49 -5.36 -2.49
C LEU B 213 -7.87 -3.96 -3.01
N THR B 214 -7.97 -3.74 -4.33
CA THR B 214 -8.30 -2.41 -4.90
C THR B 214 -9.74 -2.04 -4.48
N ASP B 215 -10.64 -3.02 -4.36
CA ASP B 215 -12.04 -2.75 -3.92
C ASP B 215 -12.04 -2.16 -2.50
N ALA B 216 -11.25 -2.75 -1.59
CA ALA B 216 -11.10 -2.28 -0.18
C ALA B 216 -10.53 -0.84 -0.15
N LEU B 217 -9.51 -0.57 -0.98
CA LEU B 217 -8.87 0.77 -1.04
C LEU B 217 -9.87 1.79 -1.59
N HIS B 218 -10.54 1.48 -2.70
CA HIS B 218 -11.44 2.41 -3.44
C HIS B 218 -12.65 2.80 -2.57
N ILE B 219 -13.27 1.84 -1.88
CA ILE B 219 -14.52 2.09 -1.08
C ILE B 219 -14.16 2.90 0.17
N LYS B 220 -12.97 2.70 0.74
CA LYS B 220 -12.47 3.58 1.84
C LYS B 220 -12.22 5.01 1.31
N ALA B 221 -11.63 5.16 0.12
CA ALA B 221 -11.38 6.47 -0.53
C ALA B 221 -12.71 7.20 -0.74
N ILE B 222 -13.73 6.52 -1.24
CA ILE B 222 -15.06 7.14 -1.50
C ILE B 222 -15.65 7.61 -0.17
N GLU B 223 -15.54 6.78 0.87
CA GLU B 223 -16.04 7.11 2.23
C GLU B 223 -15.33 8.37 2.74
N ILE B 224 -14.01 8.45 2.64
CA ILE B 224 -13.22 9.61 3.15
C ILE B 224 -13.60 10.87 2.35
N ILE B 225 -13.61 10.78 1.01
CA ILE B 225 -13.77 11.96 0.10
C ILE B 225 -15.19 12.50 0.26
N ALA B 226 -16.20 11.64 0.19
CA ALA B 226 -17.62 12.04 0.32
C ALA B 226 -17.84 12.65 1.71
N GLY B 227 -17.10 12.17 2.73
CA GLY B 227 -17.19 12.65 4.11
C GLY B 227 -16.58 14.03 4.30
N ALA B 228 -15.57 14.40 3.52
CA ALA B 228 -14.67 15.55 3.82
C ALA B 228 -14.83 16.70 2.81
N LEU B 229 -15.26 16.46 1.58
CA LEU B 229 -15.05 17.43 0.48
C LEU B 229 -15.80 18.74 0.76
N ARG B 230 -17.07 18.68 1.15
CA ARG B 230 -17.88 19.87 1.52
C ARG B 230 -17.14 20.71 2.58
N GLY B 231 -16.72 20.08 3.67
CA GLY B 231 -15.95 20.74 4.75
C GLY B 231 -14.68 21.38 4.23
N SER B 232 -13.95 20.69 3.34
CA SER B 232 -12.64 21.17 2.82
C SER B 232 -12.86 22.44 1.95
N VAL B 233 -13.80 22.37 1.01
CA VAL B 233 -14.23 23.49 0.10
C VAL B 233 -14.63 24.69 0.96
N ALA B 234 -15.35 24.44 2.06
CA ALA B 234 -15.81 25.46 3.04
C ALA B 234 -14.64 25.97 3.88
N GLY B 235 -13.48 25.31 3.85
CA GLY B 235 -12.24 25.79 4.49
C GLY B 235 -11.94 25.14 5.85
N ASP B 236 -12.59 24.01 6.18
CA ASP B 236 -12.32 23.26 7.44
C ASP B 236 -10.93 22.62 7.37
N LYS B 237 -10.12 22.81 8.43
CA LYS B 237 -8.71 22.37 8.47
C LYS B 237 -8.62 20.85 8.46
N ASP B 238 -9.38 20.16 9.32
CA ASP B 238 -9.34 18.67 9.43
C ASP B 238 -9.84 18.04 8.13
N ALA B 239 -10.93 18.54 7.57
CA ALA B 239 -11.48 18.07 6.28
C ALA B 239 -10.37 18.10 5.22
N GLY B 240 -9.51 19.13 5.20
CA GLY B 240 -8.40 19.25 4.25
C GLY B 240 -7.41 18.10 4.40
N GLU B 241 -7.17 17.68 5.64
CA GLU B 241 -6.20 16.60 5.97
C GLU B 241 -6.80 15.25 5.55
N GLU B 242 -8.10 15.06 5.77
CA GLU B 242 -8.84 13.85 5.34
C GLU B 242 -8.82 13.77 3.80
N MET B 243 -9.02 14.92 3.11
CA MET B 243 -9.00 14.98 1.63
C MET B 243 -7.62 14.55 1.13
N ALA B 244 -6.53 15.04 1.74
CA ALA B 244 -5.14 14.71 1.33
C ALA B 244 -4.97 13.18 1.34
N LEU B 245 -5.47 12.52 2.38
CA LEU B 245 -5.36 11.05 2.54
C LEU B 245 -6.25 10.34 1.51
N GLY B 246 -7.53 10.73 1.42
CA GLY B 246 -8.50 10.09 0.50
C GLY B 246 -8.06 10.07 -0.95
N GLN B 247 -7.55 11.19 -1.47
CA GLN B 247 -7.10 11.30 -2.89
C GLN B 247 -5.96 10.30 -3.11
N TYR B 248 -5.09 10.10 -2.12
CA TYR B 248 -3.92 9.20 -2.21
C TYR B 248 -4.38 7.74 -2.23
N VAL B 249 -5.20 7.35 -1.25
CA VAL B 249 -5.78 5.97 -1.16
C VAL B 249 -6.44 5.62 -2.50
N ALA B 250 -7.13 6.57 -3.13
CA ALA B 250 -7.78 6.36 -4.44
C ALA B 250 -6.72 5.94 -5.48
N GLY B 251 -5.55 6.58 -5.48
CA GLY B 251 -4.45 6.30 -6.42
C GLY B 251 -3.79 4.95 -6.20
N MET B 252 -3.71 4.51 -4.95
CA MET B 252 -3.14 3.18 -4.58
C MET B 252 -3.89 2.09 -5.36
N GLY B 253 -5.19 2.29 -5.58
CA GLY B 253 -6.06 1.35 -6.32
C GLY B 253 -6.01 1.55 -7.84
N PHE B 254 -6.39 2.73 -8.34
CA PHE B 254 -6.77 2.94 -9.76
C PHE B 254 -5.52 2.86 -10.64
N SER B 255 -4.35 3.25 -10.12
CA SER B 255 -3.04 3.09 -10.81
C SER B 255 -2.83 1.63 -11.23
N ASN B 256 -3.28 0.70 -10.39
CA ASN B 256 -2.95 -0.74 -10.49
C ASN B 256 -4.06 -1.49 -11.27
N VAL B 257 -5.29 -0.98 -11.37
CA VAL B 257 -6.38 -1.75 -12.05
C VAL B 257 -7.01 -0.97 -13.21
N GLY B 258 -7.01 0.36 -13.16
CA GLY B 258 -7.51 1.22 -14.25
C GLY B 258 -8.77 1.97 -13.83
N VAL B 259 -9.34 2.75 -14.75
CA VAL B 259 -10.55 3.58 -14.49
C VAL B 259 -11.61 3.22 -15.54
N GLY B 260 -12.16 4.19 -16.27
CA GLY B 260 -13.19 3.90 -17.30
C GLY B 260 -13.47 5.07 -18.22
N LEU B 261 -14.74 5.15 -18.65
CA LEU B 261 -15.21 6.04 -19.73
C LEU B 261 -15.17 7.51 -19.31
N VAL B 262 -15.27 7.82 -18.01
CA VAL B 262 -15.22 9.24 -17.53
C VAL B 262 -13.87 9.81 -17.93
N HIS B 263 -12.77 9.14 -17.57
CA HIS B 263 -11.40 9.57 -17.95
C HIS B 263 -11.27 9.56 -19.47
N GLY B 264 -11.89 8.58 -20.12
CA GLY B 264 -11.80 8.44 -21.59
C GLY B 264 -12.40 9.63 -22.31
N MET B 265 -13.49 10.17 -21.75
CA MET B 265 -14.28 11.29 -22.35
C MET B 265 -13.73 12.64 -21.86
N ALA B 266 -12.98 12.67 -20.75
CA ALA B 266 -12.36 13.89 -20.18
C ALA B 266 -11.08 14.26 -20.95
N HIS B 267 -10.28 13.29 -21.38
CA HIS B 267 -8.99 13.55 -22.05
C HIS B 267 -9.17 14.38 -23.32
N PRO B 268 -10.09 14.03 -24.24
CA PRO B 268 -10.27 14.84 -25.46
C PRO B 268 -10.68 16.29 -25.18
N LEU B 269 -11.38 16.56 -24.08
CA LEU B 269 -11.79 17.95 -23.71
C LEU B 269 -10.55 18.74 -23.28
N GLY B 270 -9.63 18.09 -22.57
CA GLY B 270 -8.32 18.64 -22.20
C GLY B 270 -7.53 19.03 -23.44
N ALA B 271 -7.54 18.18 -24.47
CA ALA B 271 -6.73 18.34 -25.69
C ALA B 271 -7.36 19.38 -26.63
N PHE B 272 -8.69 19.41 -26.74
CA PHE B 272 -9.43 20.31 -27.68
C PHE B 272 -9.44 21.72 -27.12
N TYR B 273 -9.74 21.85 -25.81
CA TYR B 273 -10.16 23.13 -25.20
C TYR B 273 -9.26 23.53 -24.02
N ASN B 274 -8.31 22.69 -23.65
CA ASN B 274 -7.48 22.92 -22.45
C ASN B 274 -8.37 22.99 -21.21
N THR B 275 -9.54 22.32 -21.22
CA THR B 275 -10.45 22.19 -20.06
C THR B 275 -9.68 21.62 -18.88
N PRO B 276 -9.81 22.19 -17.65
CA PRO B 276 -9.27 21.58 -16.45
C PRO B 276 -9.80 20.15 -16.27
N HIS B 277 -8.86 19.22 -15.98
CA HIS B 277 -9.10 17.77 -15.88
C HIS B 277 -10.23 17.49 -14.87
N GLY B 278 -10.16 18.09 -13.68
CA GLY B 278 -11.10 17.80 -12.58
C GLY B 278 -12.51 18.25 -12.91
N VAL B 279 -12.69 19.40 -13.58
CA VAL B 279 -14.02 19.95 -13.96
C VAL B 279 -14.67 19.00 -14.97
N ALA B 280 -13.93 18.59 -15.99
CA ALA B 280 -14.44 17.70 -17.06
C ALA B 280 -14.93 16.38 -16.45
N ASN B 281 -14.14 15.80 -15.53
CA ASN B 281 -14.49 14.54 -14.82
C ASN B 281 -15.74 14.74 -13.98
N ALA B 282 -15.78 15.82 -13.20
CA ALA B 282 -16.89 16.16 -12.28
C ALA B 282 -18.21 16.20 -13.05
N ILE B 283 -18.23 16.86 -14.21
CA ILE B 283 -19.45 17.06 -15.06
C ILE B 283 -19.90 15.71 -15.62
N LEU B 284 -18.96 14.88 -16.06
CA LEU B 284 -19.26 13.61 -16.78
C LEU B 284 -19.61 12.49 -15.78
N LEU B 285 -19.04 12.49 -14.57
CA LEU B 285 -19.07 11.34 -13.62
C LEU B 285 -20.50 10.80 -13.46
N PRO B 286 -21.49 11.58 -12.97
CA PRO B 286 -22.84 11.04 -12.73
C PRO B 286 -23.55 10.47 -13.96
N HIS B 287 -23.29 11.06 -15.14
CA HIS B 287 -23.90 10.65 -16.43
C HIS B 287 -23.34 9.28 -16.84
N VAL B 288 -22.04 9.07 -16.68
CA VAL B 288 -21.38 7.77 -16.99
C VAL B 288 -21.77 6.73 -15.93
N MET B 289 -21.92 7.12 -14.65
CA MET B 289 -22.38 6.18 -13.59
C MET B 289 -23.77 5.64 -14.00
N ARG B 290 -24.67 6.53 -14.45
CA ARG B 290 -26.06 6.17 -14.85
C ARG B 290 -25.99 5.17 -16.01
N TYR B 291 -25.11 5.42 -16.98
CA TYR B 291 -24.86 4.53 -18.15
C TYR B 291 -24.36 3.15 -17.68
N ASN B 292 -23.48 3.12 -16.68
CA ASN B 292 -22.77 1.87 -16.23
C ASN B 292 -23.61 1.04 -15.24
N ALA B 293 -24.70 1.59 -14.68
CA ALA B 293 -25.36 1.09 -13.44
C ALA B 293 -25.62 -0.42 -13.51
N ASP B 294 -26.16 -0.94 -14.60
CA ASP B 294 -26.58 -2.36 -14.71
C ASP B 294 -25.38 -3.32 -14.79
N PHE B 295 -24.16 -2.83 -14.86
CA PHE B 295 -22.94 -3.65 -15.09
C PHE B 295 -22.02 -3.59 -13.86
N THR B 296 -22.57 -3.22 -12.70
CA THR B 296 -21.80 -2.95 -11.45
C THR B 296 -22.27 -3.83 -10.28
N GLY B 297 -23.09 -4.85 -10.53
CA GLY B 297 -23.59 -5.73 -9.44
C GLY B 297 -24.18 -4.92 -8.31
N GLU B 298 -23.78 -5.18 -7.06
CA GLU B 298 -24.33 -4.48 -5.85
C GLU B 298 -23.45 -3.27 -5.49
N LYS B 299 -22.47 -2.91 -6.32
CA LYS B 299 -21.43 -1.92 -5.93
C LYS B 299 -22.03 -0.53 -5.68
N TYR B 300 -23.07 -0.10 -6.40
CA TYR B 300 -23.68 1.26 -6.19
C TYR B 300 -24.35 1.32 -4.82
N ARG B 301 -24.85 0.19 -4.28
CA ARG B 301 -25.40 0.12 -2.90
C ARG B 301 -24.30 0.50 -1.90
N ASP B 302 -23.09 -0.02 -2.11
CA ASP B 302 -21.90 0.27 -1.26
C ASP B 302 -21.57 1.76 -1.38
N ILE B 303 -21.48 2.27 -2.62
CA ILE B 303 -21.19 3.70 -2.91
C ILE B 303 -22.24 4.57 -2.19
N ALA B 304 -23.53 4.28 -2.38
CA ALA B 304 -24.65 5.06 -1.79
C ALA B 304 -24.54 5.04 -0.25
N ARG B 305 -24.29 3.88 0.34
CA ARG B 305 -24.13 3.71 1.81
C ARG B 305 -23.05 4.67 2.32
N VAL B 306 -21.84 4.60 1.76
CA VAL B 306 -20.66 5.36 2.29
C VAL B 306 -20.80 6.84 1.95
N MET B 307 -21.69 7.23 1.03
CA MET B 307 -21.95 8.67 0.72
C MET B 307 -23.08 9.22 1.60
N GLY B 308 -23.65 8.42 2.51
CA GLY B 308 -24.59 8.90 3.55
C GLY B 308 -26.05 8.68 3.19
N VAL B 309 -26.33 7.87 2.17
CA VAL B 309 -27.72 7.46 1.81
C VAL B 309 -28.15 6.30 2.71
N LYS B 310 -29.39 6.30 3.19
CA LYS B 310 -30.00 5.20 3.98
C LYS B 310 -30.52 4.12 3.02
N VAL B 311 -29.77 3.04 2.78
CA VAL B 311 -30.05 2.06 1.70
C VAL B 311 -30.81 0.86 2.26
N GLU B 312 -31.11 0.81 3.55
CA GLU B 312 -31.55 -0.42 4.28
C GLU B 312 -32.82 -1.01 3.64
N GLY B 313 -33.85 -0.19 3.39
CA GLY B 313 -35.09 -0.66 2.75
C GLY B 313 -34.94 -0.89 1.26
N MET B 314 -34.08 -0.10 0.61
CA MET B 314 -34.10 0.12 -0.87
C MET B 314 -33.88 -1.20 -1.62
N GLY B 315 -34.60 -1.40 -2.72
CA GLY B 315 -34.22 -2.35 -3.78
C GLY B 315 -32.99 -1.85 -4.53
N LEU B 316 -32.40 -2.69 -5.37
CA LEU B 316 -31.13 -2.39 -6.06
C LEU B 316 -31.32 -1.18 -7.01
N GLU B 317 -32.46 -1.07 -7.68
CA GLU B 317 -32.71 0.02 -8.67
C GLU B 317 -32.78 1.37 -7.94
N GLU B 318 -33.40 1.43 -6.77
CA GLU B 318 -33.44 2.69 -5.96
C GLU B 318 -32.04 3.00 -5.39
N ALA B 319 -31.29 1.98 -4.94
CA ALA B 319 -29.92 2.16 -4.41
C ALA B 319 -28.98 2.70 -5.51
N ARG B 320 -29.07 2.17 -6.73
CA ARG B 320 -28.26 2.63 -7.89
C ARG B 320 -28.55 4.09 -8.22
N ASN B 321 -29.84 4.44 -8.31
CA ASN B 321 -30.28 5.85 -8.53
C ASN B 321 -29.76 6.74 -7.41
N ALA B 322 -29.81 6.24 -6.18
CA ALA B 322 -29.39 6.98 -4.97
C ALA B 322 -27.89 7.31 -5.06
N ALA B 323 -27.06 6.41 -5.58
CA ALA B 323 -25.61 6.65 -5.75
C ALA B 323 -25.41 7.81 -6.74
N VAL B 324 -26.09 7.77 -7.88
CA VAL B 324 -25.99 8.79 -8.97
C VAL B 324 -26.41 10.16 -8.39
N GLU B 325 -27.61 10.25 -7.79
CA GLU B 325 -28.18 11.51 -7.24
C GLU B 325 -27.26 12.11 -6.16
N ALA B 326 -26.57 11.28 -5.38
CA ALA B 326 -25.66 11.72 -4.30
C ALA B 326 -24.43 12.41 -4.90
N VAL B 327 -24.02 12.01 -6.11
CA VAL B 327 -22.91 12.65 -6.87
C VAL B 327 -23.39 13.98 -7.50
N PHE B 328 -24.56 13.98 -8.14
CA PHE B 328 -25.20 15.24 -8.62
C PHE B 328 -25.29 16.23 -7.45
N ALA B 329 -25.67 15.76 -6.26
CA ALA B 329 -25.91 16.61 -5.07
C ALA B 329 -24.57 17.16 -4.57
N LEU B 330 -23.54 16.32 -4.53
CA LEU B 330 -22.18 16.75 -4.11
C LEU B 330 -21.67 17.82 -5.10
N ASN B 331 -21.83 17.59 -6.40
CA ASN B 331 -21.41 18.53 -7.47
C ASN B 331 -22.06 19.91 -7.26
N ARG B 332 -23.39 19.95 -7.09
CA ARG B 332 -24.13 21.21 -6.82
C ARG B 332 -23.59 21.88 -5.54
N ASP B 333 -23.41 21.10 -4.47
CA ASP B 333 -23.02 21.60 -3.13
C ASP B 333 -21.64 22.24 -3.19
N VAL B 334 -20.73 21.76 -4.06
CA VAL B 334 -19.34 22.33 -4.12
C VAL B 334 -19.18 23.24 -5.36
N GLY B 335 -20.24 23.52 -6.09
CA GLY B 335 -20.27 24.62 -7.08
C GLY B 335 -19.64 24.24 -8.40
N ILE B 336 -19.67 22.97 -8.77
CA ILE B 336 -19.20 22.52 -10.11
C ILE B 336 -20.31 22.81 -11.11
N PRO B 337 -20.00 23.39 -12.29
CA PRO B 337 -21.01 23.69 -13.29
C PRO B 337 -21.66 22.41 -13.81
N PRO B 338 -23.00 22.37 -13.96
CA PRO B 338 -23.68 21.14 -14.33
C PRO B 338 -23.47 20.68 -15.79
N HIS B 339 -23.14 21.56 -16.74
CA HIS B 339 -23.18 21.26 -18.19
C HIS B 339 -21.84 21.58 -18.87
N LEU B 340 -21.48 20.81 -19.90
CA LEU B 340 -20.24 20.98 -20.68
C LEU B 340 -20.26 22.32 -21.45
N ARG B 341 -21.45 22.79 -21.85
CA ARG B 341 -21.61 24.08 -22.59
C ARG B 341 -21.09 25.24 -21.74
N ASP B 342 -21.26 25.17 -20.43
CA ASP B 342 -20.85 26.20 -19.45
C ASP B 342 -19.32 26.33 -19.39
N VAL B 343 -18.55 25.30 -19.80
CA VAL B 343 -17.07 25.26 -19.65
C VAL B 343 -16.36 25.35 -21.01
N GLY B 344 -17.08 25.62 -22.11
CA GLY B 344 -16.48 26.02 -23.39
C GLY B 344 -16.45 24.91 -24.44
N VAL B 345 -17.22 23.84 -24.25
CA VAL B 345 -17.37 22.74 -25.25
C VAL B 345 -18.28 23.23 -26.38
N ARG B 346 -18.06 22.76 -27.61
CA ARG B 346 -18.90 23.08 -28.79
C ARG B 346 -19.63 21.82 -29.27
N LYS B 347 -20.94 21.91 -29.49
CA LYS B 347 -21.80 20.82 -30.03
C LYS B 347 -21.16 20.21 -31.28
N GLU B 348 -20.64 21.07 -32.16
CA GLU B 348 -20.05 20.68 -33.47
C GLU B 348 -18.93 19.66 -33.24
N ASP B 349 -18.20 19.78 -32.14
CA ASP B 349 -16.97 18.97 -31.90
C ASP B 349 -17.33 17.57 -31.38
N ILE B 350 -18.60 17.31 -31.01
CA ILE B 350 -18.97 16.07 -30.26
C ILE B 350 -18.63 14.80 -31.04
N PRO B 351 -18.88 14.70 -32.37
CA PRO B 351 -18.41 13.56 -33.16
C PRO B 351 -16.90 13.30 -33.09
N ALA B 352 -16.05 14.33 -33.19
CA ALA B 352 -14.58 14.18 -33.09
C ALA B 352 -14.20 13.78 -31.66
N LEU B 353 -14.77 14.43 -30.63
CA LEU B 353 -14.50 14.11 -29.20
C LEU B 353 -14.81 12.63 -28.93
N ALA B 354 -15.94 12.12 -29.44
CA ALA B 354 -16.46 10.77 -29.17
C ALA B 354 -15.53 9.70 -29.77
N GLN B 355 -14.97 9.97 -30.95
CA GLN B 355 -13.96 9.09 -31.61
C GLN B 355 -12.66 9.10 -30.80
N ALA B 356 -12.25 10.27 -30.33
CA ALA B 356 -11.06 10.43 -29.47
C ALA B 356 -11.28 9.61 -28.19
N ALA B 357 -12.47 9.68 -27.60
CA ALA B 357 -12.82 9.02 -26.33
C ALA B 357 -12.84 7.50 -26.51
N LEU B 358 -13.44 7.00 -27.60
CA LEU B 358 -13.51 5.55 -27.92
C LEU B 358 -12.09 4.99 -28.08
N ASP B 359 -11.15 5.78 -28.61
CA ASP B 359 -9.75 5.36 -28.88
C ASP B 359 -8.88 5.52 -27.63
N ASP B 360 -9.38 6.14 -26.56
CA ASP B 360 -8.56 6.46 -25.35
C ASP B 360 -8.38 5.18 -24.53
N VAL B 361 -7.16 4.96 -24.03
CA VAL B 361 -6.75 3.75 -23.27
CA VAL B 361 -6.79 3.72 -23.30
C VAL B 361 -7.64 3.57 -22.03
N CYS B 362 -8.04 4.67 -21.41
CA CYS B 362 -8.83 4.62 -20.16
C CYS B 362 -10.21 4.00 -20.42
N THR B 363 -10.76 4.16 -21.63
CA THR B 363 -12.12 3.70 -22.00
C THR B 363 -12.20 2.16 -21.86
N GLY B 364 -11.12 1.45 -22.17
CA GLY B 364 -11.02 -0.02 -22.13
C GLY B 364 -11.40 -0.62 -20.78
N GLY B 365 -11.24 0.14 -19.68
CA GLY B 365 -11.53 -0.32 -18.31
C GLY B 365 -13.01 -0.27 -17.96
N ASN B 366 -13.83 0.43 -18.75
CA ASN B 366 -15.26 0.72 -18.41
C ASN B 366 -16.03 -0.60 -18.28
N PRO B 367 -16.81 -0.82 -17.20
CA PRO B 367 -17.51 -2.10 -17.02
C PRO B 367 -18.54 -2.36 -18.13
N ARG B 368 -19.05 -1.31 -18.78
CA ARG B 368 -19.99 -1.43 -19.92
C ARG B 368 -19.23 -1.10 -21.20
N GLU B 369 -19.26 -1.99 -22.19
CA GLU B 369 -18.55 -1.79 -23.47
C GLU B 369 -19.18 -0.61 -24.21
N ALA B 370 -18.44 0.50 -24.35
CA ALA B 370 -18.87 1.74 -25.02
C ALA B 370 -18.80 1.55 -26.54
N THR B 371 -19.85 1.97 -27.26
CA THR B 371 -19.89 2.18 -28.72
C THR B 371 -19.76 3.68 -29.03
N LEU B 372 -19.35 4.02 -30.26
CA LEU B 372 -19.20 5.43 -30.73
C LEU B 372 -20.51 6.19 -30.52
N GLU B 373 -21.65 5.53 -30.77
CA GLU B 373 -23.01 6.13 -30.70
C GLU B 373 -23.37 6.40 -29.24
N ASP B 374 -23.03 5.46 -28.35
CA ASP B 374 -23.26 5.59 -26.88
C ASP B 374 -22.48 6.81 -26.36
N ILE B 375 -21.22 6.99 -26.77
CA ILE B 375 -20.36 8.11 -26.30
C ILE B 375 -20.91 9.45 -26.85
N VAL B 376 -21.31 9.50 -28.12
CA VAL B 376 -21.95 10.71 -28.74
C VAL B 376 -23.18 11.09 -27.90
N GLU B 377 -24.04 10.11 -27.57
CA GLU B 377 -25.26 10.30 -26.75
C GLU B 377 -24.89 10.84 -25.35
N LEU B 378 -23.80 10.35 -24.76
CA LEU B 378 -23.37 10.76 -23.38
C LEU B 378 -22.86 12.22 -23.39
N TYR B 379 -22.10 12.65 -24.40
CA TYR B 379 -21.64 14.06 -24.57
C TYR B 379 -22.86 14.98 -24.72
N HIS B 380 -23.85 14.63 -25.55
CA HIS B 380 -25.12 15.39 -25.73
C HIS B 380 -25.87 15.54 -24.41
N THR B 381 -26.05 14.45 -23.65
CA THR B 381 -26.75 14.45 -22.33
C THR B 381 -26.03 15.38 -21.34
N ALA B 382 -24.69 15.43 -21.35
CA ALA B 382 -23.91 16.27 -20.41
C ALA B 382 -23.76 17.71 -20.95
N TRP B 383 -24.18 17.95 -22.20
CA TRP B 383 -23.94 19.21 -22.96
C TRP B 383 -24.79 20.35 -22.38
N THR B 384 -26.10 20.13 -22.25
CA THR B 384 -27.10 21.14 -21.78
C THR B 384 -28.33 20.43 -21.20
N SER B 385 -29.31 21.19 -20.70
CA SER B 385 -30.66 20.71 -20.32
C SER B 385 -31.38 20.18 -21.56
PA NAI C . 8.70 -20.80 10.19
O1A NAI C . 9.32 -20.08 9.03
O2A NAI C . 9.44 -20.82 11.49
O5B NAI C . 8.41 -22.30 9.72
C5B NAI C . 7.76 -23.24 10.61
C4B NAI C . 7.89 -24.62 10.04
O4B NAI C . 6.97 -24.78 8.92
C3B NAI C . 9.28 -24.95 9.48
O3B NAI C . 9.67 -26.25 9.90
C2B NAI C . 9.09 -24.82 7.96
O2B NAI C . 10.02 -25.62 7.28
C1B NAI C . 7.65 -25.29 7.80
N9A NAI C . 6.95 -24.82 6.60
C8A NAI C . 6.86 -23.53 6.16
N7A NAI C . 6.16 -23.39 5.06
C5A NAI C . 5.76 -24.68 4.74
C6A NAI C . 5.00 -25.21 3.68
N6A NAI C . 4.45 -24.48 2.72
N1A NAI C . 4.78 -26.55 3.66
C2A NAI C . 5.33 -27.29 4.64
N3A NAI C . 6.06 -26.90 5.67
C4A NAI C . 6.25 -25.57 5.68
O3 NAI C . 7.21 -20.31 10.49
PN NAI C . 6.49 -18.86 10.54
O1N NAI C . 5.38 -18.93 11.52
O2N NAI C . 6.18 -18.49 9.13
O5D NAI C . 7.65 -17.91 11.09
C5D NAI C . 7.84 -17.65 12.51
C4D NAI C . 9.04 -16.74 12.67
O4D NAI C . 8.74 -15.45 12.07
C3D NAI C . 9.48 -16.44 14.11
O3D NAI C . 10.90 -16.45 14.24
C2D NAI C . 8.85 -15.07 14.35
O2D NAI C . 9.50 -14.32 15.37
C1D NAI C . 9.02 -14.40 12.98
N1N NAI C . 8.08 -13.24 12.73
C2N NAI C . 8.58 -12.02 12.32
C3N NAI C . 7.76 -10.96 11.95
C7N NAI C . 8.33 -9.86 11.12
O7N NAI C . 7.83 -8.73 11.21
N7N NAI C . 9.35 -10.10 10.31
C4N NAI C . 6.35 -10.99 12.43
C5N NAI C . 5.87 -12.37 12.65
C6N NAI C . 6.72 -13.37 12.92
H51A NAI C . 6.81 -23.00 10.71
H52A NAI C . 8.19 -23.19 11.51
H4B NAI C . 7.65 -25.27 10.74
H3B NAI C . 9.94 -24.28 9.79
HO3A NAI C . 9.10 -26.81 9.61
H2B NAI C . 9.17 -23.88 7.68
HO2A NAI C . 9.90 -25.53 6.43
H1B NAI C . 7.62 -26.28 7.82
H8A NAI C . 7.25 -22.80 6.62
H61A NAI C . 4.30 -24.83 1.93
H62A NAI C . 4.25 -23.62 2.88
H2A NAI C . 5.15 -28.21 4.58
H51N NAI C . 8.01 -18.50 12.98
H52N NAI C . 7.04 -17.22 12.89
H4D NAI C . 9.80 -17.13 12.19
H3D NAI C . 9.07 -17.10 14.73
HO3N NAI C . 11.16 -15.66 14.42
H2D NAI C . 7.89 -15.17 14.57
HO2N NAI C . 9.86 -13.63 15.00
H1D NAI C . 9.94 -14.11 12.87
H2N NAI C . 9.52 -11.90 12.31
H71N NAI C . 9.70 -9.45 9.81
H72N NAI C . 9.69 -10.92 10.26
H4N NAI C . 5.78 -10.54 11.77
H42N NAI C . 6.28 -10.47 13.26
H5N NAI C . 4.94 -12.55 12.58
H6N NAI C . 6.37 -14.19 13.24
C1 GOL D . 17.91 -27.52 -5.31
O1 GOL D . 18.39 -27.73 -3.98
C2 GOL D . 16.50 -28.07 -5.48
O2 GOL D . 15.57 -27.00 -5.32
C3 GOL D . 16.26 -28.74 -6.81
O3 GOL D . 14.87 -28.80 -7.11
H11 GOL D . 18.50 -27.97 -5.95
H12 GOL D . 17.90 -26.56 -5.50
HO1 GOL D . 19.17 -27.41 -3.94
H2 GOL D . 16.34 -28.73 -4.76
HO2 GOL D . 15.07 -26.98 -6.00
H31 GOL D . 16.63 -29.65 -6.77
H32 GOL D . 16.73 -28.24 -7.51
HO3 GOL D . 14.42 -28.63 -6.41
FE FE E . 3.73 -12.39 14.68
C1 GOL F . -4.90 12.00 9.14
O1 GOL F . -5.88 11.25 8.44
C2 GOL F . -3.49 11.69 8.68
O2 GOL F . -3.11 12.63 7.68
C3 GOL F . -2.45 11.69 9.79
O3 GOL F . -1.15 11.33 9.34
H11 GOL F . -4.96 11.79 10.11
H12 GOL F . -5.07 12.96 9.03
HO1 GOL F . -6.65 11.45 8.75
H2 GOL F . -3.49 10.79 8.27
HO2 GOL F . -2.40 13.00 7.92
H31 GOL F . -2.74 11.05 10.50
H32 GOL F . -2.42 12.59 10.20
HO3 GOL F . -1.16 11.21 8.50
FE FE G . -8.11 12.07 -13.09
PA NAI H . -2.73 21.27 -12.27
O1A NAI H . -1.45 20.73 -11.72
O2A NAI H . -2.87 21.35 -13.75
O5B NAI H . -2.99 22.70 -11.60
C5B NAI H . -4.14 23.51 -11.95
C4B NAI H . -3.86 24.93 -11.53
O4B NAI H . -3.91 25.00 -10.08
C3B NAI H . -2.47 25.47 -11.93
O3B NAI H . -2.49 26.81 -12.40
C2B NAI H . -1.68 25.42 -10.63
O2B NAI H . -0.69 26.43 -10.69
C1B NAI H . -2.77 25.68 -9.60
N9A NAI H . -2.48 25.19 -8.26
C8A NAI H . -2.01 23.94 -7.91
N7A NAI H . -1.86 23.79 -6.62
C5A NAI H . -2.24 25.00 -6.06
C6A NAI H . -2.30 25.49 -4.74
N6A NAI H . -1.95 24.77 -3.67
N1A NAI H . -2.70 26.76 -4.55
C2A NAI H . -3.05 27.48 -5.62
N3A NAI H . -3.06 27.14 -6.90
C4A NAI H . -2.63 25.88 -7.07
O3 NAI H . -3.99 20.49 -11.70
PN NAI H . -4.33 18.97 -11.26
O1N NAI H . -5.81 18.77 -11.32
O2N NAI H . -3.64 18.68 -9.97
O5D NAI H . -3.63 18.18 -12.47
C5D NAI H . -4.36 17.80 -13.65
C4D NAI H . -3.38 17.15 -14.60
O4D NAI H . -2.99 15.86 -14.06
C3D NAI H . -3.89 16.87 -16.03
O3D NAI H . -2.87 17.06 -17.01
C2D NAI H . -4.31 15.41 -15.94
O2D NAI H . -4.31 14.76 -17.20
C1D NAI H . -3.22 14.83 -15.01
N1N NAI H . -3.62 13.58 -14.29
C2N NAI H . -2.82 12.46 -14.34
C3N NAI H . -3.00 11.41 -13.48
C7N NAI H . -1.88 10.48 -13.22
O7N NAI H . -2.15 9.33 -12.84
N7N NAI H . -0.62 10.87 -13.40
C4N NAI H . -4.32 11.25 -12.83
C5N NAI H . -5.17 12.47 -12.86
C6N NAI H . -4.81 13.54 -13.56
H51A NAI H . -4.95 23.17 -11.49
H52A NAI H . -4.30 23.48 -12.93
H4B NAI H . -4.55 25.51 -11.90
H3B NAI H . -2.06 24.88 -12.62
HO3A NAI H . -2.80 27.31 -11.78
H2B NAI H . -1.26 24.53 -10.50
HO2A NAI H . -0.25 26.41 -9.96
H1B NAI H . -2.95 26.64 -9.56
H8A NAI H . -1.83 23.27 -8.54
H61A NAI H . -1.60 25.18 -2.97
H62A NAI H . -2.10 23.91 -3.66
H2A NAI H . -3.34 28.36 -5.44
H51N NAI H . -4.76 18.59 -14.08
H52N NAI H . -5.08 17.16 -13.43
H4D NAI H . -2.58 17.71 -14.66
H3D NAI H . -4.68 17.44 -16.24
HO3N NAI H . -2.68 16.32 -17.37
H2D NAI H . -5.19 15.34 -15.52
HO2N NAI H . -3.72 14.17 -17.22
H1D NAI H . -2.39 14.67 -15.52
H2N NAI H . -2.15 12.42 -15.00
H71N NAI H . 0.05 10.32 -13.24
H72N NAI H . -0.45 11.70 -13.67
H4N NAI H . -4.19 10.97 -11.90
H42N NAI H . -4.81 10.52 -13.27
H5N NAI H . -5.96 12.49 -12.34
H6N NAI H . -5.36 14.29 -13.56
C1 GOL I . 19.38 -0.36 -14.35
O1 GOL I . 19.81 0.09 -13.07
C2 GOL I . 19.10 -1.85 -14.40
O2 GOL I . 17.74 -2.07 -14.75
C3 GOL I . 19.97 -2.62 -15.37
O3 GOL I . 19.48 -2.52 -16.70
H11 GOL I . 20.09 -0.15 -15.01
H12 GOL I . 18.57 0.13 -14.61
HO1 GOL I . 19.95 0.94 -13.14
H2 GOL I . 19.25 -2.21 -13.49
HO2 GOL I . 17.74 -2.60 -15.40
H31 GOL I . 20.00 -3.57 -15.09
H32 GOL I . 20.89 -2.25 -15.34
HO3 GOL I . 18.62 -2.69 -16.68
#